data_6SO5
#
_entry.id   6SO5
#
_cell.length_a   1.00
_cell.length_b   1.00
_cell.length_c   1.00
_cell.angle_alpha   90.00
_cell.angle_beta   90.00
_cell.angle_gamma   90.00
#
_symmetry.space_group_name_H-M   'P 1'
#
loop_
_entity.id
_entity.type
_entity.pdbx_description
1 polymer 'ATPase ASNA1'
2 polymer 'Tail-anchored protein insertion receptor WRB'
3 polymer 'Calcium signal-modulating cyclophilin ligand'
4 non-polymer 'ZINC ION'
#
loop_
_entity_poly.entity_id
_entity_poly.type
_entity_poly.pdbx_seq_one_letter_code
_entity_poly.pdbx_strand_id
1 'polypeptide(L)'
;GAMAAGVAGWGVEAEEFEDAPDVEPLEPTLSNIIEQRSLKWIFVGGKGGVGKTTCSCSLAVQLSKGRESVLIISTDPAHN
ISDAFDQKFSKVPTKVKGYDNLFAMEIDPSLGVAELPDEFFEEDNMLSMGKKMMQEAMSAFPGIDEAMSYAEVMRLVKGM
NFSVVVFDTAPTGHTLRLLNFPTIVERGLGRLMQIKNQISPFISQMCNMLGLGDMNADQLASKLEETLPVIRSVSEQFKD
PEQTTFICVCIAEFLSLYETERLIQELAKCKIDTHNIIVNQLVFPDPEKPCKMCEARHKIQAKYLDQMEDLYEDFHIVKL
PLLPHEVRGADKVNTFSALLLEPYKPPSAQGSWSHPQFEK
;
A,B
2 'polypeptide(L)'
;MSSAAADHWAWLLVLSFVFGCNVLRILLPSFSSFMSRVLQKDAEQESQMRAEIQDMKQELSTVNMMDEFARYARLERKIN
KMTDKLKTHVKARTAQLAKIKWVISVAFYVLQAALMISLIWKYYSVPVAVVPSKWITPLDRLVAFPTRVAGGVGITCWIL
VCNKVVAIVLHPFSGSGSLEVLFQ
;
C,D
3 'polypeptide(L)'
;MDSFRIFRLVGCALLALGVRAFVCKYLSIFAPFLTLQLAYMGLYKYFPKSEKKIKTTVLTAALLLSGIPAEVINRSMDTY
SKMGEVFTDLCVYFFTFIFCHELLDYWGSEVPGSGSENLYFQSGSGS
;
E,F
#
# COMPACT_ATOMS: atom_id res chain seq x y z
N LEU A 26 -30.73 29.37 6.84
CA LEU A 26 -30.72 29.13 5.41
C LEU A 26 -32.12 28.79 4.91
N GLU A 27 -32.22 27.82 4.01
CA GLU A 27 -33.49 27.46 3.40
C GLU A 27 -33.69 25.96 3.46
N PRO A 28 -34.70 25.47 4.17
CA PRO A 28 -34.91 24.03 4.31
C PRO A 28 -35.65 23.38 3.16
N THR A 29 -35.78 24.04 2.01
CA THR A 29 -36.36 23.40 0.85
C THR A 29 -35.33 23.36 -0.27
N LEU A 30 -35.56 22.51 -1.26
CA LEU A 30 -34.60 22.25 -2.32
C LEU A 30 -34.79 23.13 -3.55
N SER A 31 -35.82 23.98 -3.57
CA SER A 31 -36.20 24.67 -4.80
C SER A 31 -35.09 25.52 -5.39
N ASN A 32 -34.01 25.78 -4.64
CA ASN A 32 -32.87 26.46 -5.23
C ASN A 32 -32.32 25.69 -6.42
N ILE A 33 -32.31 24.36 -6.31
CA ILE A 33 -31.89 23.53 -7.44
C ILE A 33 -32.80 23.77 -8.62
N ILE A 34 -34.10 23.90 -8.38
CA ILE A 34 -35.03 24.17 -9.47
C ILE A 34 -34.74 25.52 -10.11
N GLU A 35 -34.52 26.54 -9.29
CA GLU A 35 -34.33 27.88 -9.84
C GLU A 35 -33.11 27.97 -10.73
N GLN A 36 -32.02 27.31 -10.33
CA GLN A 36 -30.77 27.36 -11.09
C GLN A 36 -30.93 26.50 -12.34
N ARG A 37 -31.34 27.12 -13.44
CA ARG A 37 -31.49 26.40 -14.69
C ARG A 37 -30.15 26.12 -15.37
N SER A 38 -29.05 26.66 -14.84
CA SER A 38 -27.75 26.41 -15.44
C SER A 38 -27.32 24.96 -15.28
N LEU A 39 -27.92 24.24 -14.33
CA LEU A 39 -27.46 22.90 -14.02
C LEU A 39 -27.73 21.94 -15.16
N LYS A 40 -26.84 20.97 -15.31
CA LYS A 40 -27.00 19.94 -16.33
C LYS A 40 -26.79 18.54 -15.74
N TRP A 41 -26.05 18.45 -14.64
CA TRP A 41 -25.78 17.17 -13.99
C TRP A 41 -26.07 17.31 -12.51
N ILE A 42 -27.00 16.51 -12.01
CA ILE A 42 -27.38 16.53 -10.61
C ILE A 42 -27.12 15.14 -10.07
N PHE A 43 -25.93 14.94 -9.50
CA PHE A 43 -25.63 13.66 -8.89
C PHE A 43 -26.40 13.49 -7.60
N VAL A 44 -26.61 12.23 -7.22
CA VAL A 44 -27.24 11.88 -5.96
C VAL A 44 -26.50 10.68 -5.38
N GLY A 45 -26.08 10.80 -4.13
CA GLY A 45 -25.30 9.74 -3.52
C GLY A 45 -25.59 9.65 -2.04
N GLY A 46 -24.83 8.80 -1.37
CA GLY A 46 -25.05 8.54 0.05
C GLY A 46 -25.39 7.09 0.27
N LYS A 47 -24.57 6.38 1.01
CA LYS A 47 -24.71 4.94 1.14
C LYS A 47 -25.85 4.62 2.11
N GLY A 48 -25.96 3.36 2.48
CA GLY A 48 -26.92 2.95 3.49
C GLY A 48 -28.31 2.74 2.91
N GLY A 49 -29.17 2.19 3.75
CA GLY A 49 -30.51 1.84 3.35
C GLY A 49 -31.38 3.06 3.20
N VAL A 50 -31.09 3.86 2.18
CA VAL A 50 -31.81 5.09 1.91
C VAL A 50 -32.47 4.95 0.55
N GLY A 51 -33.67 5.49 0.43
CA GLY A 51 -34.35 5.48 -0.84
C GLY A 51 -33.82 6.54 -1.78
N LYS A 52 -32.50 6.63 -1.91
CA LYS A 52 -31.89 7.60 -2.80
C LYS A 52 -32.52 7.53 -4.19
N THR A 53 -32.84 6.31 -4.64
CA THR A 53 -33.56 6.17 -5.90
C THR A 53 -34.89 6.91 -5.84
N THR A 54 -35.64 6.72 -4.76
CA THR A 54 -36.95 7.34 -4.63
C THR A 54 -36.83 8.86 -4.66
N CYS A 55 -36.03 9.41 -3.77
CA CYS A 55 -35.93 10.87 -3.67
C CYS A 55 -35.36 11.46 -4.95
N SER A 56 -34.43 10.74 -5.60
CA SER A 56 -33.90 11.21 -6.87
C SER A 56 -34.99 11.25 -7.92
N CYS A 57 -35.77 10.17 -8.03
CA CYS A 57 -36.93 10.17 -8.89
C CYS A 57 -37.83 11.35 -8.62
N SER A 58 -38.02 11.68 -7.35
CA SER A 58 -38.89 12.81 -7.02
C SER A 58 -38.30 14.12 -7.52
N LEU A 59 -37.02 14.33 -7.25
CA LEU A 59 -36.33 15.51 -7.78
C LEU A 59 -36.47 15.58 -9.29
N ALA A 60 -36.38 14.44 -9.96
CA ALA A 60 -36.57 14.39 -11.40
C ALA A 60 -37.94 14.89 -11.79
N VAL A 61 -38.98 14.34 -11.16
CA VAL A 61 -40.34 14.74 -11.47
C VAL A 61 -40.50 16.23 -11.23
N GLN A 62 -39.86 16.78 -10.21
CA GLN A 62 -39.96 18.21 -9.98
C GLN A 62 -39.24 18.99 -11.06
N LEU A 63 -38.10 18.48 -11.53
CA LEU A 63 -37.42 19.14 -12.63
C LEU A 63 -38.28 19.13 -13.88
N SER A 64 -39.01 18.04 -14.09
CA SER A 64 -39.99 17.99 -15.17
C SER A 64 -41.04 19.07 -14.98
N LYS A 65 -41.58 19.15 -13.77
CA LYS A 65 -42.45 20.27 -13.40
C LYS A 65 -41.76 21.59 -13.66
N GLY A 66 -40.44 21.58 -13.80
CA GLY A 66 -39.71 22.77 -14.22
C GLY A 66 -39.67 22.99 -15.72
N ARG A 67 -40.31 22.10 -16.49
CA ARG A 67 -40.50 22.29 -17.93
C ARG A 67 -39.15 22.44 -18.64
N GLU A 68 -38.40 21.34 -18.61
CA GLU A 68 -37.09 21.27 -19.24
C GLU A 68 -37.04 19.94 -20.00
N SER A 69 -35.86 19.57 -20.46
CA SER A 69 -35.64 18.29 -21.14
C SER A 69 -34.72 17.44 -20.26
N VAL A 70 -35.31 16.57 -19.46
CA VAL A 70 -34.60 15.93 -18.35
C VAL A 70 -34.51 14.43 -18.59
N LEU A 71 -33.60 13.80 -17.86
CA LEU A 71 -33.33 12.38 -18.02
C LEU A 71 -32.58 11.85 -16.81
N ILE A 72 -33.08 10.79 -16.21
CA ILE A 72 -32.41 10.19 -15.08
C ILE A 72 -31.57 9.04 -15.59
N ILE A 73 -30.56 8.69 -14.80
CA ILE A 73 -29.77 7.51 -15.07
C ILE A 73 -29.87 6.67 -13.81
N SER A 74 -29.22 5.52 -13.79
CA SER A 74 -29.14 4.73 -12.58
C SER A 74 -27.91 3.86 -12.69
N THR A 75 -27.37 3.50 -11.54
CA THR A 75 -26.24 2.60 -11.51
C THR A 75 -26.36 1.50 -10.48
N ASP A 76 -27.29 1.59 -9.54
CA ASP A 76 -27.51 0.48 -8.63
C ASP A 76 -28.02 -0.72 -9.41
N PRO A 77 -27.62 -1.93 -9.01
CA PRO A 77 -28.12 -3.12 -9.71
C PRO A 77 -29.57 -3.41 -9.42
N ALA A 78 -30.16 -2.78 -8.41
CA ALA A 78 -31.51 -3.12 -8.02
C ALA A 78 -32.56 -2.47 -8.90
N HIS A 79 -32.20 -1.46 -9.69
CA HIS A 79 -33.14 -0.83 -10.64
C HIS A 79 -34.40 -0.34 -9.94
N ASN A 80 -34.27 0.15 -8.71
CA ASN A 80 -35.44 0.60 -7.96
C ASN A 80 -36.33 1.54 -8.76
N ILE A 81 -35.73 2.28 -9.69
CA ILE A 81 -36.46 3.12 -10.64
C ILE A 81 -37.63 2.36 -11.21
N SER A 82 -37.41 1.10 -11.57
CA SER A 82 -38.48 0.27 -12.10
C SER A 82 -39.65 0.22 -11.13
N ASP A 83 -39.41 -0.24 -9.91
CA ASP A 83 -40.50 -0.35 -8.93
C ASP A 83 -41.14 1.00 -8.65
N ALA A 84 -40.36 2.07 -8.75
CA ALA A 84 -40.93 3.41 -8.64
C ALA A 84 -41.74 3.79 -9.87
N PHE A 85 -41.58 3.04 -10.96
CA PHE A 85 -42.20 3.38 -12.23
C PHE A 85 -42.97 2.25 -12.88
N ASP A 86 -42.82 1.01 -12.41
CA ASP A 86 -43.55 -0.14 -12.94
C ASP A 86 -43.35 -0.26 -14.46
N GLN A 87 -42.11 -0.08 -14.90
CA GLN A 87 -41.77 -0.26 -16.30
C GLN A 87 -40.42 -0.93 -16.39
N LYS A 88 -40.20 -1.65 -17.49
CA LYS A 88 -38.91 -2.25 -17.75
C LYS A 88 -38.08 -1.32 -18.61
N PHE A 89 -36.76 -1.38 -18.43
CA PHE A 89 -35.84 -0.51 -19.14
C PHE A 89 -34.62 -1.30 -19.57
N SER A 90 -33.73 -0.62 -20.28
CA SER A 90 -32.50 -1.23 -20.77
C SER A 90 -31.43 -0.15 -20.80
N LYS A 91 -30.37 -0.39 -21.52
CA LYS A 91 -29.27 0.57 -21.59
C LYS A 91 -29.59 1.75 -22.50
N VAL A 92 -30.83 1.97 -22.92
CA VAL A 92 -31.14 2.99 -23.91
C VAL A 92 -32.20 3.92 -23.35
N PRO A 93 -32.07 5.25 -23.55
CA PRO A 93 -33.09 6.19 -23.08
C PRO A 93 -34.50 5.80 -23.49
N THR A 94 -35.48 6.25 -22.72
CA THR A 94 -36.83 5.72 -22.88
C THR A 94 -37.82 6.67 -22.22
N LYS A 95 -38.98 6.81 -22.84
CA LYS A 95 -40.09 7.53 -22.22
C LYS A 95 -40.54 6.82 -20.95
N VAL A 96 -41.31 7.53 -20.13
CA VAL A 96 -42.01 6.95 -19.00
C VAL A 96 -43.47 7.37 -19.07
N LYS A 97 -44.37 6.40 -18.91
CA LYS A 97 -45.79 6.71 -19.01
C LYS A 97 -46.19 7.73 -17.97
N GLY A 98 -47.23 8.50 -18.30
CA GLY A 98 -47.64 9.61 -17.46
C GLY A 98 -46.74 10.82 -17.51
N TYR A 99 -45.67 10.77 -18.31
CA TYR A 99 -44.74 11.88 -18.44
C TYR A 99 -44.21 11.93 -19.86
N ASP A 100 -43.74 13.11 -20.25
CA ASP A 100 -43.21 13.33 -21.60
C ASP A 100 -41.73 13.64 -21.59
N ASN A 101 -41.31 14.69 -20.89
CA ASN A 101 -39.90 15.04 -20.86
C ASN A 101 -39.10 14.18 -19.89
N LEU A 102 -39.76 13.56 -18.93
CA LEU A 102 -39.07 12.59 -18.08
C LEU A 102 -38.53 11.46 -18.94
N PHE A 103 -37.28 11.09 -18.69
CA PHE A 103 -36.67 9.96 -19.38
C PHE A 103 -35.80 9.18 -18.41
N ALA A 104 -35.83 7.87 -18.54
CA ALA A 104 -35.03 6.99 -17.72
C ALA A 104 -34.07 6.20 -18.58
N MET A 105 -33.09 5.60 -17.92
CA MET A 105 -32.10 4.73 -18.52
C MET A 105 -31.21 4.26 -17.37
N GLU A 106 -30.49 3.17 -17.58
CA GLU A 106 -29.69 2.63 -16.49
C GLU A 106 -28.52 1.83 -17.04
N ILE A 107 -27.37 1.94 -16.39
CA ILE A 107 -26.16 1.26 -16.84
C ILE A 107 -25.43 0.62 -15.68
N ASP A 108 -25.62 -0.68 -15.50
CA ASP A 108 -24.72 -1.44 -14.65
C ASP A 108 -23.39 -1.67 -15.35
N PRO A 109 -23.37 -1.88 -16.69
CA PRO A 109 -22.08 -1.92 -17.40
C PRO A 109 -21.12 -0.80 -17.04
N SER A 110 -21.64 0.33 -16.55
CA SER A 110 -20.75 1.41 -16.14
C SER A 110 -20.01 1.06 -14.87
N LEU A 111 -20.72 0.55 -13.85
CA LEU A 111 -20.01 0.07 -12.68
C LEU A 111 -19.10 -1.10 -13.03
N GLY A 112 -19.47 -1.87 -14.05
CA GLY A 112 -18.61 -2.94 -14.50
C GLY A 112 -17.30 -2.43 -15.08
N VAL A 113 -17.37 -1.42 -15.94
CA VAL A 113 -16.17 -0.92 -16.59
C VAL A 113 -15.38 -0.04 -15.64
N ALA A 114 -16.02 0.45 -14.59
CA ALA A 114 -15.31 1.20 -13.55
C ALA A 114 -14.43 0.26 -12.74
N GLU A 115 -14.63 -1.04 -12.90
CA GLU A 115 -13.75 -2.02 -12.26
C GLU A 115 -12.43 -2.13 -13.00
N LEU A 116 -12.43 -1.95 -14.33
CA LEU A 116 -11.19 -2.04 -15.09
C LEU A 116 -10.12 -1.10 -14.54
N PRO A 117 -10.41 0.14 -14.15
CA PRO A 117 -9.37 1.00 -13.57
C PRO A 117 -9.12 0.75 -12.10
N ASP A 118 -9.48 -0.42 -11.58
CA ASP A 118 -9.27 -0.76 -10.17
C ASP A 118 -7.87 -0.39 -9.71
N GLU A 119 -6.85 -0.86 -10.44
CA GLU A 119 -5.47 -0.64 -10.03
C GLU A 119 -5.15 0.85 -9.92
N PHE A 120 -5.61 1.65 -10.88
CA PHE A 120 -5.42 3.10 -10.79
C PHE A 120 -6.20 3.68 -9.62
N PHE A 121 -7.34 3.09 -9.31
CA PHE A 121 -8.11 3.52 -8.14
C PHE A 121 -7.29 3.32 -6.86
N GLU A 122 -6.54 2.22 -6.79
CA GLU A 122 -5.82 1.93 -5.56
C GLU A 122 -4.60 2.85 -5.38
N GLU A 123 -4.16 3.50 -6.45
CA GLU A 123 -3.02 4.40 -6.33
C GLU A 123 -3.43 5.87 -6.34
N ASP A 124 -4.23 6.29 -7.33
CA ASP A 124 -4.73 7.66 -7.44
C ASP A 124 -3.58 8.67 -7.43
N ASN A 125 -2.49 8.34 -8.14
CA ASN A 125 -1.33 9.22 -8.19
C ASN A 125 -1.49 10.25 -9.30
N MET A 126 -0.39 10.93 -9.65
CA MET A 126 -0.39 11.94 -10.71
C MET A 126 0.22 11.41 -12.01
N LEU A 127 1.40 10.80 -11.93
CA LEU A 127 2.11 10.33 -13.11
C LEU A 127 1.83 8.87 -13.42
N SER A 128 2.04 7.98 -12.44
CA SER A 128 2.00 6.54 -12.66
C SER A 128 0.62 6.04 -13.06
N MET A 129 -0.38 6.92 -13.06
CA MET A 129 -1.71 6.53 -13.54
C MET A 129 -1.67 6.23 -15.03
N GLY A 130 -1.27 7.21 -15.84
CA GLY A 130 -1.08 6.96 -17.25
C GLY A 130 -0.03 5.89 -17.53
N LYS A 131 0.95 5.75 -16.64
CA LYS A 131 1.99 4.75 -16.84
C LYS A 131 1.42 3.34 -16.69
N LYS A 132 0.66 3.10 -15.62
CA LYS A 132 0.01 1.80 -15.49
C LYS A 132 -1.06 1.60 -16.57
N MET A 133 -1.70 2.69 -17.01
CA MET A 133 -2.65 2.59 -18.11
C MET A 133 -1.97 2.09 -19.38
N MET A 134 -0.82 2.66 -19.73
CA MET A 134 -0.12 2.22 -20.93
C MET A 134 0.48 0.83 -20.76
N GLN A 135 0.94 0.49 -19.56
CA GLN A 135 1.48 -0.85 -19.36
C GLN A 135 0.39 -1.91 -19.48
N GLU A 136 -0.82 -1.61 -18.98
CA GLU A 136 -1.93 -2.54 -19.16
C GLU A 136 -2.38 -2.58 -20.62
N ALA A 137 -2.36 -1.42 -21.31
CA ALA A 137 -2.63 -1.40 -22.73
C ALA A 137 -1.67 -2.31 -23.48
N MET A 138 -0.40 -2.33 -23.05
CA MET A 138 0.54 -3.31 -23.56
C MET A 138 0.10 -4.73 -23.22
N SER A 139 -0.40 -4.93 -22.00
CA SER A 139 -0.82 -6.26 -21.58
C SER A 139 -1.99 -6.75 -22.43
N ALA A 140 -3.15 -6.09 -22.33
CA ALA A 140 -4.32 -6.56 -23.07
C ALA A 140 -5.17 -5.45 -23.68
N PHE A 141 -4.61 -4.27 -23.94
CA PHE A 141 -5.31 -3.18 -24.61
C PHE A 141 -6.63 -2.79 -23.93
N PRO A 142 -6.69 -2.65 -22.57
CA PRO A 142 -7.97 -2.36 -21.94
C PRO A 142 -8.18 -0.88 -21.60
N GLY A 143 -7.14 -0.07 -21.75
CA GLY A 143 -7.27 1.35 -21.46
C GLY A 143 -8.34 1.97 -22.33
N ILE A 144 -8.12 1.89 -23.65
CA ILE A 144 -9.12 2.40 -24.59
C ILE A 144 -10.43 1.65 -24.45
N ASP A 145 -10.38 0.41 -23.96
CA ASP A 145 -11.61 -0.34 -23.70
C ASP A 145 -12.48 0.40 -22.70
N GLU A 146 -11.97 0.59 -21.48
CA GLU A 146 -12.70 1.37 -20.48
C GLU A 146 -13.04 2.75 -21.00
N ALA A 147 -12.12 3.36 -21.75
CA ALA A 147 -12.31 4.70 -22.26
C ALA A 147 -13.57 4.76 -23.11
N MET A 148 -13.59 4.02 -24.22
CA MET A 148 -14.76 4.02 -25.10
C MET A 148 -16.01 3.56 -24.38
N SER A 149 -15.88 2.58 -23.47
CA SER A 149 -17.01 2.11 -22.69
C SER A 149 -17.68 3.28 -21.99
N TYR A 150 -16.92 4.00 -21.15
CA TYR A 150 -17.47 5.16 -20.49
C TYR A 150 -17.92 6.21 -21.49
N ALA A 151 -17.22 6.32 -22.62
CA ALA A 151 -17.54 7.34 -23.60
C ALA A 151 -18.98 7.21 -24.07
N GLU A 152 -19.32 6.05 -24.66
CA GLU A 152 -20.61 5.84 -25.28
C GLU A 152 -21.76 6.43 -24.47
N VAL A 153 -21.68 6.30 -23.15
CA VAL A 153 -22.72 6.76 -22.26
C VAL A 153 -22.94 8.26 -22.44
N MET A 154 -21.93 9.04 -22.10
CA MET A 154 -22.06 10.48 -22.22
C MET A 154 -22.19 10.91 -23.66
N ARG A 155 -21.66 10.11 -24.60
CA ARG A 155 -21.85 10.41 -26.00
C ARG A 155 -23.32 10.46 -26.35
N LEU A 156 -24.03 9.36 -26.13
CA LEU A 156 -25.46 9.34 -26.37
C LEU A 156 -26.18 10.40 -25.53
N VAL A 157 -25.75 10.56 -24.29
CA VAL A 157 -26.39 11.53 -23.40
C VAL A 157 -26.37 12.91 -24.03
N LYS A 158 -25.17 13.41 -24.33
CA LYS A 158 -25.05 14.69 -25.01
C LYS A 158 -25.82 14.68 -26.33
N GLY A 159 -25.78 13.55 -27.04
CA GLY A 159 -26.42 13.49 -28.35
C GLY A 159 -27.89 13.83 -28.29
N MET A 160 -28.60 13.28 -27.29
CA MET A 160 -30.01 13.61 -27.18
C MET A 160 -30.21 15.05 -26.71
N ASN A 161 -29.18 15.69 -26.17
CA ASN A 161 -29.21 17.12 -25.81
C ASN A 161 -30.32 17.39 -24.78
N PHE A 162 -30.13 16.82 -23.61
CA PHE A 162 -31.07 17.04 -22.52
C PHE A 162 -30.72 18.31 -21.74
N SER A 163 -31.73 18.85 -21.06
CA SER A 163 -31.48 19.99 -20.19
C SER A 163 -30.57 19.60 -19.04
N VAL A 164 -31.00 18.62 -18.24
CA VAL A 164 -30.24 18.17 -17.09
C VAL A 164 -30.16 16.65 -17.10
N VAL A 165 -29.33 16.11 -16.22
CA VAL A 165 -29.10 14.68 -16.12
C VAL A 165 -28.96 14.32 -14.65
N VAL A 166 -29.69 13.31 -14.22
CA VAL A 166 -29.69 12.91 -12.82
C VAL A 166 -29.11 11.51 -12.70
N PHE A 167 -28.16 11.37 -11.79
CA PHE A 167 -27.48 10.10 -11.53
C PHE A 167 -27.98 9.52 -10.22
N ASP A 168 -27.97 8.19 -10.15
CA ASP A 168 -28.19 7.48 -8.90
C ASP A 168 -26.96 6.59 -8.71
N THR A 169 -25.95 7.12 -8.05
CA THR A 169 -24.74 6.36 -7.85
C THR A 169 -25.01 5.14 -6.99
N ALA A 170 -24.13 4.16 -7.10
CA ALA A 170 -24.24 2.95 -6.34
C ALA A 170 -23.90 3.22 -4.88
N PRO A 171 -24.29 2.33 -3.98
CA PRO A 171 -23.94 2.53 -2.58
C PRO A 171 -22.52 2.08 -2.27
N THR A 172 -21.70 1.86 -3.29
CA THR A 172 -20.34 1.38 -3.07
C THR A 172 -19.42 1.96 -4.14
N GLY A 173 -18.75 3.06 -3.81
CA GLY A 173 -17.79 3.66 -4.72
C GLY A 173 -18.20 5.01 -5.26
N HIS A 174 -17.63 5.38 -6.41
CA HIS A 174 -17.79 6.73 -6.94
C HIS A 174 -17.30 6.83 -8.38
N THR A 175 -18.10 7.40 -9.29
CA THR A 175 -17.76 7.44 -10.70
C THR A 175 -17.46 8.82 -11.25
N LEU A 176 -17.82 9.88 -10.53
CA LEU A 176 -17.36 11.21 -10.91
C LEU A 176 -15.85 11.24 -11.05
N ARG A 177 -15.16 10.86 -9.97
CA ARG A 177 -13.70 10.87 -9.91
C ARG A 177 -13.05 10.26 -11.14
N LEU A 178 -13.72 9.29 -11.77
CA LEU A 178 -13.24 8.66 -12.99
C LEU A 178 -12.61 9.66 -13.94
N LEU A 179 -13.23 10.82 -14.10
CA LEU A 179 -12.80 11.69 -15.18
C LEU A 179 -11.46 12.38 -14.91
N ASN A 180 -11.02 12.42 -13.66
CA ASN A 180 -9.67 12.90 -13.39
C ASN A 180 -8.62 11.89 -13.83
N PHE A 181 -9.03 10.66 -14.16
CA PHE A 181 -8.07 9.66 -14.61
C PHE A 181 -7.65 9.89 -16.06
N PRO A 182 -8.56 9.94 -17.04
CA PRO A 182 -8.11 10.02 -18.43
C PRO A 182 -7.42 11.31 -18.76
N THR A 183 -7.74 12.41 -18.07
CA THR A 183 -6.99 13.64 -18.28
C THR A 183 -5.53 13.43 -17.89
N ILE A 184 -5.30 12.81 -16.74
CA ILE A 184 -3.94 12.36 -16.45
C ILE A 184 -3.42 11.49 -17.59
N VAL A 185 -4.26 10.58 -18.08
CA VAL A 185 -3.85 9.72 -19.18
C VAL A 185 -3.57 10.53 -20.44
N GLU A 186 -4.25 11.66 -20.63
CA GLU A 186 -3.96 12.43 -21.84
C GLU A 186 -2.52 12.91 -21.82
N ARG A 187 -1.98 13.15 -20.62
CA ARG A 187 -0.58 13.54 -20.48
C ARG A 187 0.32 12.57 -21.23
N GLY A 188 -0.01 11.28 -21.22
CA GLY A 188 0.67 10.38 -22.10
C GLY A 188 0.38 10.74 -23.54
N LEU A 189 -0.87 10.50 -23.96
CA LEU A 189 -1.22 10.64 -25.37
C LEU A 189 -0.82 12.01 -25.91
N GLY A 190 -1.26 13.07 -25.22
CA GLY A 190 -0.89 14.41 -25.64
C GLY A 190 0.59 14.54 -25.91
N ARG A 191 1.41 14.18 -24.91
CA ARG A 191 2.85 14.23 -25.13
C ARG A 191 3.26 13.21 -26.19
N LEU A 192 2.68 12.02 -26.14
CA LEU A 192 2.85 11.06 -27.22
C LEU A 192 2.65 11.74 -28.58
N MET A 193 1.63 12.59 -28.67
CA MET A 193 1.31 13.20 -29.95
C MET A 193 2.51 13.89 -30.57
N GLN A 194 3.33 14.57 -29.77
CA GLN A 194 4.47 15.26 -30.39
C GLN A 194 5.51 14.27 -30.89
N ILE A 195 5.76 13.17 -30.16
CA ILE A 195 6.62 12.12 -30.70
C ILE A 195 6.07 11.57 -32.01
N LYS A 196 4.79 11.77 -32.29
CA LYS A 196 4.22 11.46 -33.59
C LYS A 196 5.14 11.93 -34.71
N ASN A 197 5.69 13.14 -34.57
CA ASN A 197 6.64 13.65 -35.56
C ASN A 197 7.79 12.67 -35.75
N GLN A 198 8.54 12.38 -34.69
CA GLN A 198 9.61 11.41 -34.77
C GLN A 198 9.10 9.99 -34.99
N ILE A 199 7.80 9.76 -34.82
CA ILE A 199 7.22 8.47 -35.21
C ILE A 199 7.09 8.34 -36.71
N SER A 200 6.94 9.47 -37.43
CA SER A 200 6.75 9.41 -38.87
C SER A 200 7.94 8.80 -39.60
N PRO A 201 9.20 9.24 -39.40
CA PRO A 201 10.27 8.85 -40.33
C PRO A 201 10.60 7.36 -40.33
N PHE A 202 10.91 6.79 -39.16
CA PHE A 202 11.46 5.43 -39.15
C PHE A 202 10.46 4.43 -39.70
N ILE A 203 9.17 4.62 -39.40
CA ILE A 203 8.14 3.80 -40.04
C ILE A 203 8.25 3.91 -41.55
N SER A 204 8.24 5.14 -42.06
CA SER A 204 8.39 5.36 -43.50
C SER A 204 9.79 4.97 -43.97
N GLN A 205 10.71 4.68 -43.04
CA GLN A 205 12.02 4.16 -43.37
C GLN A 205 12.24 2.75 -42.87
N MET A 206 11.17 2.06 -42.43
CA MET A 206 11.31 0.67 -42.01
C MET A 206 10.87 -0.29 -43.10
N CYS A 207 9.81 0.06 -43.82
CA CYS A 207 9.30 -0.78 -44.90
C CYS A 207 9.95 -0.43 -46.23
N ASN A 216 -3.71 -2.31 -37.39
CA ASN A 216 -4.65 -1.20 -37.35
C ASN A 216 -4.13 -0.05 -36.49
N ALA A 217 -3.33 0.82 -37.10
CA ALA A 217 -2.95 2.06 -36.43
C ALA A 217 -4.14 2.99 -36.22
N ASP A 218 -5.30 2.65 -36.79
CA ASP A 218 -6.46 3.52 -36.71
C ASP A 218 -6.99 3.60 -35.29
N GLN A 219 -7.30 2.44 -34.70
CA GLN A 219 -8.05 2.36 -33.44
C GLN A 219 -7.63 3.41 -32.42
N LEU A 220 -6.35 3.41 -32.04
CA LEU A 220 -5.86 4.35 -31.04
C LEU A 220 -6.21 5.78 -31.43
N ALA A 221 -5.69 6.22 -32.58
CA ALA A 221 -5.87 7.60 -33.01
C ALA A 221 -7.34 7.98 -33.06
N SER A 222 -8.12 7.24 -33.85
CA SER A 222 -9.53 7.56 -34.03
C SER A 222 -10.26 7.62 -32.69
N LYS A 223 -10.28 6.48 -31.97
CA LYS A 223 -11.10 6.41 -30.77
C LYS A 223 -10.65 7.42 -29.73
N LEU A 224 -9.34 7.60 -29.56
CA LEU A 224 -8.90 8.52 -28.50
C LEU A 224 -9.16 9.97 -28.90
N GLU A 225 -8.77 10.35 -30.12
CA GLU A 225 -9.03 11.71 -30.58
C GLU A 225 -10.52 12.01 -30.72
N GLU A 226 -11.39 11.01 -30.64
CA GLU A 226 -12.83 11.28 -30.62
C GLU A 226 -13.42 11.19 -29.22
N THR A 227 -12.77 10.50 -28.29
CA THR A 227 -13.29 10.37 -26.94
C THR A 227 -12.75 11.47 -26.04
N LEU A 228 -11.43 11.56 -25.92
CA LEU A 228 -10.79 12.50 -25.03
C LEU A 228 -11.22 13.95 -25.26
N PRO A 229 -11.66 14.35 -26.46
CA PRO A 229 -12.31 15.66 -26.57
C PRO A 229 -13.54 15.74 -25.67
N VAL A 230 -14.50 14.84 -25.86
CA VAL A 230 -15.72 14.93 -25.08
C VAL A 230 -15.44 14.57 -23.63
N ILE A 231 -14.43 13.74 -23.39
CA ILE A 231 -14.04 13.44 -22.01
C ILE A 231 -13.53 14.69 -21.32
N ARG A 232 -12.66 15.45 -22.00
CA ARG A 232 -12.24 16.72 -21.47
C ARG A 232 -13.43 17.63 -21.23
N SER A 233 -14.36 17.67 -22.19
CA SER A 233 -15.53 18.53 -22.06
C SER A 233 -16.30 18.22 -20.78
N VAL A 234 -16.67 16.95 -20.60
CA VAL A 234 -17.49 16.60 -19.45
C VAL A 234 -16.71 16.78 -18.15
N SER A 235 -15.41 16.44 -18.17
CA SER A 235 -14.62 16.60 -16.96
C SER A 235 -14.59 18.05 -16.52
N GLU A 236 -14.29 18.95 -17.45
CA GLU A 236 -14.38 20.38 -17.15
C GLU A 236 -15.78 20.72 -16.66
N GLN A 237 -16.80 20.14 -17.30
CA GLN A 237 -18.18 20.45 -16.95
C GLN A 237 -18.46 20.14 -15.48
N PHE A 238 -17.99 18.98 -15.02
CA PHE A 238 -18.29 18.56 -13.66
C PHE A 238 -17.75 19.56 -12.65
N LYS A 239 -16.52 20.02 -12.83
CA LYS A 239 -15.93 20.93 -11.86
C LYS A 239 -16.69 22.23 -11.73
N ASP A 240 -17.51 22.60 -12.73
CA ASP A 240 -18.20 23.88 -12.66
C ASP A 240 -19.19 23.88 -11.50
N PRO A 241 -19.06 24.80 -10.55
CA PRO A 241 -20.03 24.87 -9.46
C PRO A 241 -21.43 25.29 -9.90
N GLU A 242 -21.65 25.56 -11.18
CA GLU A 242 -22.90 26.17 -11.61
C GLU A 242 -23.73 25.29 -12.53
N GLN A 243 -23.23 24.13 -12.93
CA GLN A 243 -24.01 23.21 -13.74
C GLN A 243 -23.92 21.77 -13.26
N THR A 244 -23.10 21.49 -12.26
CA THR A 244 -23.00 20.17 -11.64
C THR A 244 -23.25 20.34 -10.15
N THR A 245 -24.09 19.48 -9.59
CA THR A 245 -24.43 19.61 -8.19
C THR A 245 -24.68 18.25 -7.58
N PHE A 246 -24.15 18.02 -6.40
CA PHE A 246 -24.30 16.76 -5.70
C PHE A 246 -25.36 16.89 -4.63
N ILE A 247 -26.18 15.86 -4.50
CA ILE A 247 -27.15 15.75 -3.41
C ILE A 247 -26.79 14.48 -2.65
N CYS A 248 -26.17 14.63 -1.49
CA CYS A 248 -26.07 13.49 -0.61
C CYS A 248 -27.41 13.28 0.09
N VAL A 249 -27.65 12.06 0.53
CA VAL A 249 -28.84 11.75 1.31
C VAL A 249 -28.45 10.86 2.46
N CYS A 250 -29.01 11.14 3.63
CA CYS A 250 -28.65 10.43 4.85
C CYS A 250 -29.91 10.05 5.60
N ILE A 251 -29.72 9.41 6.75
CA ILE A 251 -30.79 9.14 7.68
C ILE A 251 -30.43 9.78 9.00
N ALA A 252 -31.44 10.06 9.80
CA ALA A 252 -31.18 10.62 11.11
C ALA A 252 -30.68 9.53 12.05
N GLU A 253 -29.40 9.22 11.94
CA GLU A 253 -28.74 8.35 12.91
C GLU A 253 -27.25 8.57 12.72
N PHE A 254 -26.48 8.32 13.78
CA PHE A 254 -25.09 8.72 13.77
C PHE A 254 -24.35 8.12 12.59
N LEU A 255 -24.26 6.79 12.53
CA LEU A 255 -23.35 6.15 11.59
C LEU A 255 -23.51 6.70 10.18
N SER A 256 -24.76 6.82 9.73
CA SER A 256 -24.99 7.38 8.40
C SER A 256 -24.56 8.83 8.33
N LEU A 257 -24.76 9.59 9.41
CA LEU A 257 -24.31 10.96 9.42
C LEU A 257 -22.80 11.04 9.20
N TYR A 258 -22.04 10.29 9.99
CA TYR A 258 -20.59 10.30 9.84
C TYR A 258 -20.21 9.84 8.44
N GLU A 259 -20.94 8.88 7.90
CA GLU A 259 -20.65 8.42 6.54
C GLU A 259 -20.79 9.55 5.54
N THR A 260 -21.93 10.25 5.54
CA THR A 260 -22.10 11.34 4.60
C THR A 260 -21.13 12.46 4.88
N GLU A 261 -20.65 12.60 6.11
CA GLU A 261 -19.61 13.58 6.34
C GLU A 261 -18.33 13.20 5.62
N ARG A 262 -17.95 11.93 5.73
CA ARG A 262 -16.85 11.43 4.92
C ARG A 262 -17.08 11.72 3.45
N LEU A 263 -18.31 11.54 3.00
CA LEU A 263 -18.62 11.79 1.59
C LEU A 263 -18.38 13.24 1.25
N ILE A 264 -18.87 14.15 2.10
CA ILE A 264 -18.68 15.58 1.86
C ILE A 264 -17.21 15.91 1.76
N GLN A 265 -16.40 15.38 2.68
CA GLN A 265 -14.98 15.69 2.65
C GLN A 265 -14.34 15.17 1.38
N GLU A 266 -14.61 13.92 1.02
CA GLU A 266 -14.02 13.36 -0.19
C GLU A 266 -14.48 14.13 -1.42
N LEU A 267 -15.70 14.63 -1.40
CA LEU A 267 -16.21 15.41 -2.51
C LEU A 267 -15.46 16.72 -2.65
N ALA A 268 -15.35 17.47 -1.54
CA ALA A 268 -14.55 18.69 -1.57
C ALA A 268 -13.13 18.41 -2.04
N LYS A 269 -12.59 17.26 -1.66
CA LYS A 269 -11.30 16.84 -2.19
C LYS A 269 -11.35 16.79 -3.70
N CYS A 270 -12.31 16.08 -4.25
CA CYS A 270 -12.41 16.05 -5.70
C CYS A 270 -12.97 17.33 -6.27
N LYS A 271 -13.14 18.37 -5.44
CA LYS A 271 -13.46 19.71 -5.89
C LYS A 271 -14.70 19.73 -6.77
N ILE A 272 -15.81 19.34 -6.15
CA ILE A 272 -17.11 19.35 -6.80
C ILE A 272 -18.04 20.23 -5.99
N ASP A 273 -18.95 20.90 -6.67
CA ASP A 273 -19.93 21.72 -5.98
C ASP A 273 -20.83 20.83 -5.12
N THR A 274 -21.49 21.46 -4.16
CA THR A 274 -22.54 20.84 -3.37
C THR A 274 -23.19 21.89 -2.48
N HIS A 275 -24.50 21.77 -2.32
CA HIS A 275 -25.20 22.63 -1.38
C HIS A 275 -26.27 21.93 -0.57
N ASN A 276 -26.68 20.72 -0.90
CA ASN A 276 -27.94 20.21 -0.39
C ASN A 276 -27.82 18.75 -0.02
N ILE A 277 -28.26 18.41 1.18
CA ILE A 277 -28.39 17.04 1.61
C ILE A 277 -29.85 16.80 1.96
N ILE A 278 -30.22 15.53 2.05
CA ILE A 278 -31.58 15.15 2.38
C ILE A 278 -31.53 14.10 3.46
N VAL A 279 -32.48 14.17 4.39
CA VAL A 279 -32.65 13.13 5.38
C VAL A 279 -33.90 12.35 5.00
N ASN A 280 -34.17 11.24 5.69
CA ASN A 280 -35.41 10.53 5.45
C ASN A 280 -35.90 9.93 6.75
N GLN A 281 -37.14 9.45 6.71
CA GLN A 281 -37.73 8.71 7.82
C GLN A 281 -37.73 9.55 9.10
N LEU A 282 -38.53 10.62 9.06
CA LEU A 282 -38.55 11.59 10.15
C LEU A 282 -39.92 12.26 10.22
N VAL A 283 -40.77 11.81 11.13
CA VAL A 283 -42.08 12.42 11.29
C VAL A 283 -42.06 13.38 12.48
N PHE A 284 -41.75 12.84 13.65
CA PHE A 284 -41.82 13.57 14.91
C PHE A 284 -43.20 14.22 15.07
N PRO A 285 -44.24 13.43 15.27
CA PRO A 285 -45.59 13.98 15.36
C PRO A 285 -46.00 14.26 16.79
N ASP A 286 -47.03 15.09 16.94
CA ASP A 286 -47.64 15.22 18.25
C ASP A 286 -49.17 15.26 18.24
N PRO A 287 -49.86 14.39 17.48
CA PRO A 287 -51.32 14.32 17.65
C PRO A 287 -51.72 13.40 18.80
N GLU A 288 -50.96 12.32 18.97
CA GLU A 288 -51.32 11.23 19.87
C GLU A 288 -50.18 10.93 20.83
N LYS A 289 -50.55 10.53 22.03
CA LYS A 289 -49.57 10.11 23.03
C LYS A 289 -49.03 8.69 22.79
N PRO A 290 -49.87 7.66 22.52
CA PRO A 290 -49.42 6.27 22.71
C PRO A 290 -48.21 5.88 21.88
N CYS A 291 -47.75 6.77 21.00
CA CYS A 291 -46.61 6.43 20.17
C CYS A 291 -45.32 6.64 20.96
N LYS A 292 -45.28 6.10 22.18
CA LYS A 292 -44.12 6.29 23.04
C LYS A 292 -42.85 5.81 22.37
N MET A 293 -42.92 4.66 21.71
CA MET A 293 -41.78 4.19 20.93
C MET A 293 -41.43 5.20 19.85
N CYS A 294 -42.42 5.62 19.06
CA CYS A 294 -42.18 6.69 18.10
C CYS A 294 -41.67 7.94 18.80
N GLU A 295 -42.20 8.24 19.98
CA GLU A 295 -41.77 9.43 20.70
C GLU A 295 -40.26 9.41 20.91
N ALA A 296 -39.77 8.38 21.60
CA ALA A 296 -38.34 8.32 21.88
C ALA A 296 -37.52 8.19 20.60
N ARG A 297 -38.02 7.42 19.63
CA ARG A 297 -37.28 7.23 18.38
C ARG A 297 -37.02 8.56 17.71
N HIS A 298 -38.09 9.31 17.45
CA HIS A 298 -37.93 10.61 16.82
C HIS A 298 -37.27 11.62 17.75
N LYS A 299 -37.28 11.39 19.06
CA LYS A 299 -36.45 12.23 19.93
C LYS A 299 -34.97 12.02 19.63
N ILE A 300 -34.55 10.77 19.54
CA ILE A 300 -33.17 10.45 19.18
C ILE A 300 -32.83 11.05 17.83
N GLN A 301 -33.68 10.81 16.85
CA GLN A 301 -33.40 11.30 15.51
C GLN A 301 -33.37 12.81 15.47
N ALA A 302 -34.20 13.47 16.29
CA ALA A 302 -34.15 14.92 16.38
C ALA A 302 -32.81 15.37 16.97
N LYS A 303 -32.35 14.67 18.00
CA LYS A 303 -31.04 14.98 18.56
C LYS A 303 -29.96 14.92 17.49
N TYR A 304 -30.00 13.88 16.66
CA TYR A 304 -28.92 13.70 15.69
C TYR A 304 -29.02 14.71 14.56
N LEU A 305 -30.21 14.98 14.06
CA LEU A 305 -30.32 16.02 13.03
C LEU A 305 -30.00 17.38 13.61
N ASP A 306 -30.19 17.56 14.91
CA ASP A 306 -29.77 18.80 15.56
C ASP A 306 -28.25 18.93 15.52
N GLN A 307 -27.55 17.89 15.97
CA GLN A 307 -26.11 17.81 15.78
C GLN A 307 -25.72 18.11 14.33
N MET A 308 -26.57 17.70 13.38
CA MET A 308 -26.26 17.92 11.97
C MET A 308 -26.37 19.39 11.60
N GLU A 309 -27.50 20.01 11.92
CA GLU A 309 -27.82 21.36 11.43
C GLU A 309 -26.70 22.33 11.72
N ASP A 310 -26.33 22.49 13.00
CA ASP A 310 -25.24 23.38 13.38
C ASP A 310 -24.04 23.19 12.50
N LEU A 311 -23.70 21.95 12.18
CA LEU A 311 -22.55 21.67 11.35
C LEU A 311 -22.80 21.99 9.90
N TYR A 312 -24.07 22.05 9.49
CA TYR A 312 -24.36 22.25 8.08
C TYR A 312 -25.22 23.48 7.83
N GLU A 313 -24.88 24.59 8.47
CA GLU A 313 -25.58 25.84 8.19
C GLU A 313 -25.43 26.24 6.73
N ASP A 314 -24.28 25.93 6.13
CA ASP A 314 -23.98 26.27 4.75
C ASP A 314 -24.56 25.27 3.75
N PHE A 315 -25.50 24.45 4.16
CA PHE A 315 -26.11 23.45 3.27
C PHE A 315 -27.61 23.49 3.44
N HIS A 316 -28.33 23.38 2.32
CA HIS A 316 -29.78 23.37 2.39
C HIS A 316 -30.27 22.05 2.95
N ILE A 317 -30.39 21.97 4.28
CA ILE A 317 -30.92 20.76 4.89
C ILE A 317 -32.33 20.51 4.37
N VAL A 318 -32.72 19.25 4.35
CA VAL A 318 -34.06 18.84 4.00
C VAL A 318 -34.56 17.91 5.09
N LYS A 319 -35.87 17.94 5.34
CA LYS A 319 -36.48 17.06 6.33
C LYS A 319 -37.61 16.31 5.62
N LEU A 320 -37.26 15.20 4.99
CA LEU A 320 -38.19 14.43 4.20
C LEU A 320 -38.74 13.29 5.04
N PRO A 321 -40.00 13.33 5.44
CA PRO A 321 -40.47 12.38 6.46
C PRO A 321 -40.58 10.95 5.95
N LEU A 322 -41.02 10.06 6.84
CA LEU A 322 -41.29 8.68 6.46
C LEU A 322 -42.75 8.58 6.02
N LEU A 323 -42.95 8.05 4.83
CA LEU A 323 -44.31 7.89 4.33
C LEU A 323 -45.06 6.85 5.13
N PRO A 324 -46.15 7.21 5.78
CA PRO A 324 -46.84 6.26 6.66
C PRO A 324 -47.48 5.12 5.89
N HIS A 325 -46.67 4.43 5.10
CA HIS A 325 -47.12 3.30 4.30
C HIS A 325 -45.93 2.68 3.61
N GLU A 326 -46.03 1.39 3.27
CA GLU A 326 -44.99 0.75 2.49
C GLU A 326 -44.85 1.45 1.15
N VAL A 327 -43.63 1.89 0.84
CA VAL A 327 -43.39 2.83 -0.25
C VAL A 327 -43.54 2.11 -1.58
N ARG A 328 -44.52 2.53 -2.38
CA ARG A 328 -44.75 1.99 -3.71
C ARG A 328 -45.36 3.07 -4.59
N GLY A 329 -45.17 2.94 -5.89
CA GLY A 329 -45.93 3.71 -6.86
C GLY A 329 -45.60 5.18 -6.98
N ALA A 330 -45.99 5.77 -8.11
CA ALA A 330 -45.70 7.17 -8.39
C ALA A 330 -46.45 8.12 -7.46
N ASP A 331 -47.46 7.63 -6.73
CA ASP A 331 -48.15 8.47 -5.76
C ASP A 331 -47.18 8.98 -4.70
N LYS A 332 -46.43 8.07 -4.10
CA LYS A 332 -45.44 8.49 -3.10
C LYS A 332 -44.36 9.34 -3.73
N VAL A 333 -44.06 9.11 -5.00
CA VAL A 333 -43.12 9.97 -5.71
C VAL A 333 -43.64 11.40 -5.75
N ASN A 334 -44.90 11.56 -6.13
CA ASN A 334 -45.50 12.90 -6.12
C ASN A 334 -45.51 13.48 -4.72
N THR A 335 -45.71 12.64 -3.71
CA THR A 335 -45.68 13.11 -2.34
C THR A 335 -44.32 13.69 -2.00
N PHE A 336 -43.26 12.92 -2.26
CA PHE A 336 -41.91 13.44 -2.15
C PHE A 336 -41.72 14.73 -2.94
N SER A 337 -42.33 14.82 -4.12
CA SER A 337 -42.19 16.01 -4.94
C SER A 337 -42.72 17.23 -4.20
N ALA A 338 -43.96 17.13 -3.70
CA ALA A 338 -44.52 18.20 -2.90
C ALA A 338 -43.61 18.52 -1.72
N LEU A 339 -43.17 17.50 -1.00
CA LEU A 339 -42.35 17.70 0.18
C LEU A 339 -41.02 18.35 -0.17
N LEU A 340 -40.55 18.16 -1.40
CA LEU A 340 -39.27 18.72 -1.81
C LEU A 340 -39.43 20.16 -2.24
N LEU A 341 -40.57 20.47 -2.87
CA LEU A 341 -40.87 21.87 -3.19
C LEU A 341 -41.02 22.70 -1.91
N GLU A 342 -41.98 22.32 -1.06
CA GLU A 342 -42.37 23.09 0.11
C GLU A 342 -41.89 22.42 1.39
N PRO A 343 -41.57 23.21 2.42
CA PRO A 343 -41.10 22.62 3.67
C PRO A 343 -42.21 21.88 4.40
N TYR A 344 -41.95 20.63 4.75
CA TYR A 344 -42.98 19.78 5.33
C TYR A 344 -43.31 20.20 6.75
N LYS A 345 -44.60 20.21 7.06
CA LYS A 345 -45.09 20.36 8.42
C LYS A 345 -46.42 19.65 8.57
N PRO A 346 -46.50 18.60 9.40
CA PRO A 346 -47.76 17.89 9.66
C PRO A 346 -48.76 18.75 10.42
N LEU B 26 -34.03 -21.29 17.17
CA LEU B 26 -32.77 -21.76 17.75
C LEU B 26 -32.31 -20.82 18.87
N GLU B 27 -31.02 -20.92 19.23
CA GLU B 27 -30.48 -20.29 20.44
C GLU B 27 -30.74 -18.80 20.51
N PRO B 28 -31.65 -18.35 21.37
CA PRO B 28 -32.10 -16.95 21.37
C PRO B 28 -31.55 -16.05 22.46
N THR B 29 -30.62 -16.49 23.31
CA THR B 29 -30.22 -15.64 24.43
C THR B 29 -28.82 -16.00 24.90
N LEU B 30 -28.19 -15.05 25.62
CA LEU B 30 -26.80 -15.04 26.09
C LEU B 30 -26.48 -16.09 27.09
N SER B 31 -27.40 -17.01 27.41
CA SER B 31 -27.18 -18.00 28.44
C SER B 31 -25.79 -18.62 28.37
N ASN B 32 -25.32 -18.88 27.15
CA ASN B 32 -23.97 -19.42 26.98
C ASN B 32 -22.95 -18.52 27.64
N ILE B 33 -23.13 -17.21 27.53
CA ILE B 33 -22.28 -16.31 28.30
C ILE B 33 -22.68 -16.35 29.76
N ILE B 34 -23.98 -16.44 30.03
CA ILE B 34 -24.46 -16.36 31.39
C ILE B 34 -24.11 -17.62 32.16
N GLU B 35 -24.27 -18.78 31.53
CA GLU B 35 -23.98 -20.05 32.20
C GLU B 35 -22.62 -20.56 31.78
N GLN B 36 -21.59 -19.96 32.39
CA GLN B 36 -20.22 -20.41 32.16
C GLN B 36 -19.31 -19.74 33.19
N ARG B 37 -18.41 -20.52 33.77
CA ARG B 37 -17.46 -20.00 34.74
C ARG B 37 -16.12 -19.64 34.10
N SER B 38 -15.60 -20.52 33.24
CA SER B 38 -14.25 -20.34 32.71
C SER B 38 -14.10 -19.03 31.95
N LEU B 39 -15.19 -18.44 31.47
CA LEU B 39 -15.10 -17.13 30.86
C LEU B 39 -14.56 -16.12 31.86
N LYS B 40 -13.65 -15.27 31.40
CA LYS B 40 -13.13 -14.21 32.25
C LYS B 40 -13.15 -12.88 31.52
N TRP B 41 -13.10 -12.92 30.20
CA TRP B 41 -13.03 -11.72 29.38
C TRP B 41 -14.20 -11.69 28.42
N ILE B 42 -15.07 -10.71 28.59
CA ILE B 42 -16.20 -10.49 27.70
C ILE B 42 -16.02 -9.12 27.08
N PHE B 43 -15.96 -9.07 25.77
CA PHE B 43 -15.80 -7.81 25.08
C PHE B 43 -17.10 -7.41 24.43
N VAL B 44 -17.21 -6.13 24.09
CA VAL B 44 -18.31 -5.67 23.26
C VAL B 44 -17.71 -4.76 22.19
N GLY B 45 -18.56 -4.19 21.36
CA GLY B 45 -18.08 -3.35 20.28
C GLY B 45 -19.05 -3.35 19.12
N GLY B 46 -18.72 -2.54 18.13
CA GLY B 46 -19.63 -2.28 17.04
C GLY B 46 -20.02 -0.82 17.03
N LYS B 47 -19.49 -0.10 16.05
CA LYS B 47 -19.63 1.35 16.05
C LYS B 47 -21.09 1.75 15.89
N GLY B 48 -21.33 3.04 16.05
CA GLY B 48 -22.65 3.60 15.84
C GLY B 48 -23.28 4.10 17.13
N GLY B 49 -24.38 4.82 16.96
CA GLY B 49 -25.09 5.39 18.08
C GLY B 49 -25.84 4.31 18.84
N VAL B 50 -25.08 3.44 19.48
CA VAL B 50 -25.63 2.30 20.18
C VAL B 50 -25.41 2.48 21.67
N GLY B 51 -26.34 1.96 22.46
CA GLY B 51 -26.15 1.96 23.89
C GLY B 51 -25.25 0.84 24.34
N LYS B 52 -24.12 0.64 23.65
CA LYS B 52 -23.24 -0.47 23.98
C LYS B 52 -22.83 -0.43 25.43
N THR B 53 -22.63 0.77 25.98
CA THR B 53 -22.38 0.88 27.41
C THR B 53 -23.52 0.29 28.22
N THR B 54 -24.76 0.57 27.79
CA THR B 54 -25.91 0.10 28.56
C THR B 54 -25.96 -1.42 28.59
N CYS B 55 -25.90 -2.06 27.43
CA CYS B 55 -25.94 -3.52 27.41
C CYS B 55 -24.70 -4.11 28.07
N SER B 56 -23.57 -3.42 27.99
CA SER B 56 -22.37 -3.85 28.69
C SER B 56 -22.67 -3.95 30.18
N CYS B 57 -23.06 -2.84 30.79
CA CYS B 57 -23.39 -2.83 32.20
C CYS B 57 -24.49 -3.84 32.51
N SER B 58 -25.39 -4.07 31.57
CA SER B 58 -26.46 -5.05 31.81
C SER B 58 -25.88 -6.45 31.96
N LEU B 59 -25.12 -6.89 30.97
CA LEU B 59 -24.41 -8.16 31.07
C LEU B 59 -23.60 -8.23 32.35
N ALA B 60 -22.95 -7.13 32.71
CA ALA B 60 -22.19 -7.10 33.95
C ALA B 60 -23.08 -7.45 35.13
N VAL B 61 -24.20 -6.74 35.26
CA VAL B 61 -25.13 -6.98 36.36
C VAL B 61 -25.56 -8.44 36.38
N GLN B 62 -25.83 -9.00 35.21
CA GLN B 62 -26.27 -10.39 35.20
C GLN B 62 -25.15 -11.32 35.62
N LEU B 63 -23.90 -10.99 35.29
CA LEU B 63 -22.80 -11.78 35.80
C LEU B 63 -22.68 -11.63 37.31
N SER B 64 -23.03 -10.45 37.82
CA SER B 64 -23.07 -10.25 39.27
C SER B 64 -24.06 -11.21 39.90
N LYS B 65 -25.31 -11.19 39.43
CA LYS B 65 -26.27 -12.20 39.85
C LYS B 65 -25.70 -13.59 39.68
N GLY B 66 -24.81 -13.79 38.70
CA GLY B 66 -24.14 -15.05 38.50
C GLY B 66 -23.15 -15.43 39.59
N ARG B 67 -23.06 -14.65 40.67
CA ARG B 67 -22.27 -15.00 41.84
C ARG B 67 -20.81 -15.23 41.46
N GLU B 68 -20.18 -14.14 41.03
CA GLU B 68 -18.80 -14.16 40.58
C GLU B 68 -18.11 -12.93 41.15
N SER B 69 -16.92 -12.64 40.65
CA SER B 69 -16.19 -11.41 40.96
C SER B 69 -15.94 -10.72 39.63
N VAL B 70 -16.67 -9.63 39.37
CA VAL B 70 -16.71 -9.02 38.05
C VAL B 70 -16.11 -7.63 38.10
N LEU B 71 -15.75 -7.14 36.92
CA LEU B 71 -15.07 -5.86 36.80
C LEU B 71 -15.32 -5.30 35.42
N ILE B 72 -16.05 -4.22 35.35
CA ILE B 72 -16.34 -3.57 34.08
C ILE B 72 -15.25 -2.55 33.78
N ILE B 73 -14.84 -2.50 32.52
CA ILE B 73 -13.77 -1.62 32.08
C ILE B 73 -14.28 -0.83 30.89
N SER B 74 -14.10 0.47 30.94
CA SER B 74 -14.48 1.31 29.81
C SER B 74 -13.27 1.64 28.96
N THR B 75 -13.56 2.04 27.74
CA THR B 75 -12.61 2.75 26.89
C THR B 75 -13.21 3.97 26.23
N ASP B 76 -14.53 4.06 26.14
CA ASP B 76 -15.17 5.20 25.52
C ASP B 76 -14.97 6.44 26.40
N PRO B 77 -14.53 7.55 25.84
CA PRO B 77 -14.29 8.75 26.66
C PRO B 77 -15.57 9.36 27.19
N ALA B 78 -16.71 8.75 26.89
CA ALA B 78 -17.98 9.23 27.38
C ALA B 78 -18.36 8.67 28.73
N HIS B 79 -17.74 7.55 29.13
CA HIS B 79 -17.82 7.05 30.51
C HIS B 79 -19.25 6.76 30.94
N ASN B 80 -20.09 6.34 29.98
CA ASN B 80 -21.51 6.19 30.25
C ASN B 80 -21.81 5.22 31.38
N ILE B 81 -20.83 4.44 31.83
CA ILE B 81 -21.01 3.69 33.07
C ILE B 81 -21.36 4.64 34.20
N SER B 82 -20.62 5.75 34.28
CA SER B 82 -21.00 6.81 35.20
C SER B 82 -22.42 7.26 34.95
N ASP B 83 -22.78 7.46 33.68
CA ASP B 83 -24.13 7.91 33.33
C ASP B 83 -25.18 6.99 33.93
N ALA B 84 -25.03 5.68 33.72
CA ALA B 84 -26.00 4.73 34.23
C ALA B 84 -25.89 4.59 35.74
N PHE B 85 -24.75 4.94 36.32
CA PHE B 85 -24.49 4.65 37.71
C PHE B 85 -24.24 5.89 38.56
N ASP B 86 -24.13 7.07 37.94
CA ASP B 86 -24.25 8.36 38.63
C ASP B 86 -23.07 8.66 39.56
N GLN B 87 -21.95 7.96 39.41
CA GLN B 87 -20.77 8.26 40.22
C GLN B 87 -19.59 8.51 39.29
N LYS B 88 -18.60 9.22 39.81
CA LYS B 88 -17.39 9.50 39.06
C LYS B 88 -16.31 8.49 39.42
N PHE B 89 -15.50 8.13 38.43
CA PHE B 89 -14.47 7.11 38.59
C PHE B 89 -13.22 7.55 37.84
N SER B 90 -12.20 6.71 37.91
CA SER B 90 -10.93 6.98 37.25
C SER B 90 -10.19 5.65 37.13
N LYS B 91 -8.90 5.74 36.79
CA LYS B 91 -8.08 4.55 36.61
C LYS B 91 -8.04 3.67 37.85
N VAL B 92 -8.55 4.14 38.98
CA VAL B 92 -8.66 3.28 40.16
C VAL B 92 -9.86 2.37 40.00
N PRO B 93 -9.71 1.07 40.21
CA PRO B 93 -10.89 0.20 40.26
C PRO B 93 -11.61 0.37 41.59
N THR B 94 -12.93 0.55 41.51
CA THR B 94 -13.71 0.93 42.66
C THR B 94 -14.94 0.04 42.79
N LYS B 95 -15.64 0.20 43.90
CA LYS B 95 -16.91 -0.47 44.10
C LYS B 95 -17.98 0.26 43.28
N VAL B 96 -19.22 -0.18 43.46
CA VAL B 96 -20.37 0.39 42.76
C VAL B 96 -21.51 0.54 43.74
N LYS B 97 -22.13 1.72 43.76
CA LYS B 97 -23.23 1.98 44.68
C LYS B 97 -24.38 1.03 44.40
N GLY B 98 -25.09 0.66 45.47
CA GLY B 98 -26.22 -0.22 45.34
C GLY B 98 -25.90 -1.62 44.88
N TYR B 99 -24.63 -2.03 45.00
CA TYR B 99 -24.21 -3.33 44.53
C TYR B 99 -23.04 -3.81 45.39
N ASP B 100 -22.66 -5.07 45.22
CA ASP B 100 -21.67 -5.70 46.08
C ASP B 100 -20.38 -6.04 45.37
N ASN B 101 -20.44 -6.84 44.32
CA ASN B 101 -19.24 -7.28 43.63
C ASN B 101 -18.89 -6.42 42.42
N LEU B 102 -19.81 -5.60 41.96
CA LEU B 102 -19.57 -4.76 40.78
C LEU B 102 -18.36 -3.88 40.99
N PHE B 103 -17.48 -3.87 39.98
CA PHE B 103 -16.28 -3.06 40.02
C PHE B 103 -16.11 -2.39 38.66
N ALA B 104 -15.86 -1.09 38.67
CA ALA B 104 -15.69 -0.32 37.46
C ALA B 104 -14.25 0.16 37.35
N MET B 105 -13.95 0.72 36.18
CA MET B 105 -12.68 1.38 35.87
C MET B 105 -12.81 1.89 34.45
N GLU B 106 -11.93 2.82 34.10
CA GLU B 106 -11.96 3.37 32.75
C GLU B 106 -10.62 4.05 32.47
N ILE B 107 -10.20 3.97 31.21
CA ILE B 107 -8.92 4.53 30.79
C ILE B 107 -9.06 5.10 29.39
N ASP B 108 -8.94 6.42 29.28
CA ASP B 108 -8.68 6.99 27.96
C ASP B 108 -7.26 6.66 27.47
N PRO B 109 -6.27 6.37 28.34
CA PRO B 109 -4.99 5.87 27.80
C PRO B 109 -5.15 4.64 26.93
N SER B 110 -6.31 4.01 26.93
CA SER B 110 -6.64 3.06 25.86
C SER B 110 -6.34 3.67 24.50
N LEU B 111 -6.74 4.92 24.31
CA LEU B 111 -6.44 5.61 23.06
C LEU B 111 -4.94 5.72 22.83
N GLY B 112 -4.18 6.07 23.89
CA GLY B 112 -2.77 6.31 23.71
C GLY B 112 -1.97 5.05 23.46
N VAL B 113 -2.32 3.96 24.14
CA VAL B 113 -1.60 2.71 23.98
C VAL B 113 -1.89 2.06 22.64
N ALA B 114 -2.84 2.59 21.87
CA ALA B 114 -3.17 2.07 20.56
C ALA B 114 -3.10 3.12 19.46
N GLU B 115 -2.80 4.38 19.79
CA GLU B 115 -2.81 5.44 18.79
C GLU B 115 -1.66 5.28 17.80
N LEU B 116 -0.43 5.30 18.29
CA LEU B 116 0.72 5.02 17.42
C LEU B 116 0.70 3.55 17.02
N PRO B 117 0.34 2.62 17.92
CA PRO B 117 0.08 1.25 17.46
C PRO B 117 -1.02 1.12 16.42
N ASP B 118 -1.89 2.13 16.25
CA ASP B 118 -2.87 2.07 15.16
C ASP B 118 -2.18 2.10 13.81
N GLU B 119 -1.32 3.09 13.57
CA GLU B 119 -0.55 3.11 12.33
C GLU B 119 0.44 1.96 12.30
N PHE B 120 0.87 1.47 13.48
CA PHE B 120 1.70 0.28 13.51
C PHE B 120 0.95 -0.94 13.00
N PHE B 121 -0.38 -0.98 13.17
CA PHE B 121 -1.16 -2.08 12.62
C PHE B 121 -1.10 -2.10 11.10
N GLU B 122 -0.77 -0.96 10.49
CA GLU B 122 -0.43 -0.89 9.08
C GLU B 122 1.06 -0.69 8.87
N GLU B 123 1.86 -0.87 9.92
CA GLU B 123 3.30 -0.92 9.80
C GLU B 123 3.89 -2.26 10.20
N ASP B 124 3.09 -3.16 10.75
CA ASP B 124 3.54 -4.50 11.16
C ASP B 124 2.55 -5.51 10.61
N ASN B 125 2.78 -5.96 9.37
CA ASN B 125 1.95 -7.00 8.77
C ASN B 125 2.77 -8.05 8.02
N MET B 126 4.07 -8.12 8.26
CA MET B 126 4.94 -9.10 7.60
C MET B 126 6.01 -9.52 8.59
N LEU B 127 7.06 -10.17 8.10
CA LEU B 127 8.15 -10.62 8.95
C LEU B 127 9.02 -9.49 9.47
N SER B 128 8.64 -8.24 9.23
CA SER B 128 9.37 -7.08 9.74
C SER B 128 8.67 -6.43 10.93
N MET B 129 7.98 -7.22 11.75
CA MET B 129 7.21 -6.65 12.85
C MET B 129 8.12 -6.03 13.91
N GLY B 130 9.36 -6.50 14.00
CA GLY B 130 10.30 -5.91 14.94
C GLY B 130 11.09 -4.75 14.37
N LYS B 131 10.94 -4.48 13.07
CA LYS B 131 11.75 -3.45 12.43
C LYS B 131 11.45 -2.06 12.98
N LYS B 132 10.17 -1.73 13.12
CA LYS B 132 9.79 -0.39 13.57
C LYS B 132 10.12 -0.19 15.04
N MET B 133 10.24 -1.28 15.79
CA MET B 133 10.59 -1.21 17.20
C MET B 133 12.07 -1.35 17.44
N MET B 134 12.85 -1.73 16.42
CA MET B 134 14.31 -1.78 16.53
C MET B 134 14.99 -0.62 15.80
N GLN B 135 14.28 0.11 14.95
CA GLN B 135 14.91 1.21 14.21
C GLN B 135 15.27 2.36 15.15
N GLU B 136 14.28 2.95 15.80
CA GLU B 136 14.52 4.02 16.76
C GLU B 136 14.71 3.50 18.17
N ALA B 137 14.88 2.19 18.35
CA ALA B 137 15.09 1.63 19.68
C ALA B 137 16.33 2.22 20.34
N MET B 138 17.39 2.43 19.56
CA MET B 138 18.62 2.99 20.10
C MET B 138 18.36 4.37 20.71
N SER B 139 17.54 5.18 20.04
CA SER B 139 17.19 6.49 20.56
C SER B 139 16.34 6.38 21.83
N ALA B 140 15.10 5.89 21.69
CA ALA B 140 14.18 5.92 22.82
C ALA B 140 13.29 4.69 22.96
N PHE B 141 13.53 3.62 22.19
CA PHE B 141 12.65 2.45 22.22
C PHE B 141 11.22 2.87 21.87
N PRO B 142 10.94 3.23 20.62
CA PRO B 142 9.70 3.95 20.30
C PRO B 142 8.41 3.21 20.60
N GLY B 143 8.25 2.01 20.04
CA GLY B 143 6.98 1.31 20.13
C GLY B 143 6.82 0.40 21.32
N ILE B 144 7.75 0.48 22.27
CA ILE B 144 7.75 -0.45 23.39
C ILE B 144 7.01 0.14 24.60
N ASP B 145 7.27 1.42 24.89
CA ASP B 145 6.77 1.99 26.16
C ASP B 145 5.26 2.09 26.17
N GLU B 146 4.62 2.20 25.00
CA GLU B 146 3.16 2.12 24.96
C GLU B 146 2.69 0.74 25.41
N ALA B 147 3.33 -0.30 24.89
CA ALA B 147 3.04 -1.66 25.36
C ALA B 147 3.35 -1.79 26.85
N MET B 148 4.32 -1.03 27.35
CA MET B 148 4.63 -1.10 28.78
C MET B 148 3.53 -0.46 29.62
N SER B 149 3.02 0.69 29.18
CA SER B 149 1.87 1.28 29.85
C SER B 149 0.69 0.31 29.83
N TYR B 150 0.44 -0.31 28.68
CA TYR B 150 -0.60 -1.34 28.62
C TYR B 150 -0.30 -2.50 29.55
N ALA B 151 0.98 -2.81 29.74
CA ALA B 151 1.36 -3.89 30.64
C ALA B 151 0.99 -3.53 32.08
N GLU B 152 1.28 -2.30 32.49
CA GLU B 152 0.82 -1.84 33.79
C GLU B 152 -0.70 -1.94 33.90
N VAL B 153 -1.40 -1.53 32.83
CA VAL B 153 -2.85 -1.65 32.78
C VAL B 153 -3.25 -3.07 33.12
N MET B 154 -2.78 -4.04 32.32
CA MET B 154 -3.17 -5.42 32.51
C MET B 154 -2.70 -5.97 33.85
N ARG B 155 -1.60 -5.45 34.37
CA ARG B 155 -1.17 -5.79 35.72
C ARG B 155 -2.27 -5.50 36.71
N LEU B 156 -2.68 -4.23 36.78
CA LEU B 156 -3.77 -3.87 37.67
C LEU B 156 -5.02 -4.67 37.35
N VAL B 157 -5.28 -4.89 36.05
CA VAL B 157 -6.40 -5.73 35.63
C VAL B 157 -6.38 -7.06 36.36
N LYS B 158 -5.20 -7.69 36.42
CA LYS B 158 -5.10 -8.87 37.27
C LYS B 158 -5.38 -8.44 38.69
N GLY B 159 -4.50 -7.63 39.26
CA GLY B 159 -4.69 -7.02 40.57
C GLY B 159 -5.40 -7.92 41.54
N MET B 160 -6.46 -7.42 42.16
CA MET B 160 -7.43 -8.31 42.77
C MET B 160 -8.06 -9.12 41.64
N ASN B 161 -7.71 -10.38 41.54
CA ASN B 161 -8.12 -11.19 40.39
C ASN B 161 -9.63 -11.38 40.44
N PHE B 162 -10.34 -10.69 39.53
CA PHE B 162 -11.77 -10.84 39.42
C PHE B 162 -12.11 -11.97 38.48
N SER B 163 -13.19 -12.69 38.81
CA SER B 163 -13.56 -13.86 38.00
C SER B 163 -13.81 -13.48 36.56
N VAL B 164 -14.40 -12.31 36.32
CA VAL B 164 -14.71 -11.89 34.96
C VAL B 164 -14.46 -10.41 34.78
N VAL B 165 -13.56 -10.07 33.89
CA VAL B 165 -13.41 -8.69 33.45
C VAL B 165 -14.16 -8.52 32.14
N VAL B 166 -15.06 -7.56 32.11
CA VAL B 166 -15.82 -7.25 30.91
C VAL B 166 -15.28 -5.94 30.36
N PHE B 167 -15.16 -5.87 29.04
CA PHE B 167 -14.64 -4.68 28.39
C PHE B 167 -15.76 -3.84 27.84
N ASP B 168 -15.41 -2.65 27.39
CA ASP B 168 -16.32 -1.85 26.58
C ASP B 168 -15.45 -1.08 25.59
N THR B 169 -15.28 -1.66 24.42
CA THR B 169 -14.38 -1.07 23.44
C THR B 169 -14.95 0.24 22.91
N ALA B 170 -14.07 1.08 22.40
CA ALA B 170 -14.44 2.34 21.81
C ALA B 170 -14.95 2.11 20.39
N PRO B 171 -15.43 3.15 19.72
CA PRO B 171 -15.88 2.97 18.34
C PRO B 171 -14.76 2.86 17.31
N THR B 172 -13.53 2.62 17.74
CA THR B 172 -12.43 2.45 16.78
C THR B 172 -11.31 1.64 17.40
N GLY B 173 -10.68 0.77 16.60
CA GLY B 173 -9.49 0.06 17.01
C GLY B 173 -9.77 -1.14 17.89
N HIS B 174 -8.68 -1.72 18.40
CA HIS B 174 -8.73 -2.92 19.21
C HIS B 174 -7.53 -2.99 20.14
N THR B 175 -7.82 -3.10 21.44
CA THR B 175 -6.80 -3.42 22.42
C THR B 175 -6.52 -4.92 22.50
N LEU B 176 -6.95 -5.69 21.50
CA LEU B 176 -6.82 -7.13 21.57
C LEU B 176 -5.61 -7.63 20.78
N ARG B 177 -5.55 -7.32 19.50
CA ARG B 177 -4.47 -7.84 18.67
C ARG B 177 -3.15 -7.22 19.07
N LEU B 178 -3.18 -6.01 19.66
CA LEU B 178 -1.96 -5.40 20.18
C LEU B 178 -1.20 -6.36 21.07
N LEU B 179 -1.89 -6.90 22.08
CA LEU B 179 -1.26 -7.83 23.00
C LEU B 179 -0.53 -8.95 22.28
N ASN B 180 -0.97 -9.29 21.07
CA ASN B 180 -0.30 -10.28 20.23
C ASN B 180 0.86 -9.68 19.44
N PHE B 181 1.13 -8.38 19.58
CA PHE B 181 2.28 -7.81 18.90
C PHE B 181 3.60 -8.08 19.64
N PRO B 182 3.74 -7.74 20.93
CA PRO B 182 5.06 -7.88 21.57
C PRO B 182 5.59 -9.29 21.62
N THR B 183 4.71 -10.30 21.53
CA THR B 183 5.18 -11.69 21.52
C THR B 183 6.02 -12.02 20.30
N ILE B 184 6.23 -11.02 19.43
CA ILE B 184 7.12 -11.16 18.30
C ILE B 184 8.48 -10.52 18.55
N VAL B 185 8.54 -9.47 19.37
CA VAL B 185 9.75 -8.65 19.45
C VAL B 185 10.93 -9.47 19.95
N GLU B 186 10.68 -10.49 20.77
CA GLU B 186 11.75 -11.28 21.35
C GLU B 186 12.38 -12.24 20.34
N ARG B 187 11.71 -12.50 19.20
CA ARG B 187 12.13 -13.53 18.27
C ARG B 187 13.64 -13.47 18.00
N GLY B 188 14.11 -12.33 17.48
CA GLY B 188 15.54 -12.19 17.24
C GLY B 188 16.37 -12.36 18.50
N LEU B 189 15.98 -11.66 19.57
CA LEU B 189 16.65 -11.84 20.86
C LEU B 189 16.58 -13.28 21.32
N GLY B 190 15.55 -14.01 20.92
CA GLY B 190 15.43 -15.42 21.26
C GLY B 190 16.39 -16.33 20.52
N ARG B 191 17.36 -15.76 19.79
CA ARG B 191 18.33 -16.57 19.09
C ARG B 191 19.62 -16.68 19.91
N LEU B 192 19.50 -16.62 21.23
CA LEU B 192 20.65 -16.68 22.12
C LEU B 192 20.36 -17.59 23.31
N SER B 222 15.19 -4.36 29.23
CA SER B 222 15.42 -4.31 30.66
C SER B 222 14.24 -4.87 31.44
N LYS B 223 13.08 -4.23 31.28
CA LYS B 223 11.89 -4.62 32.02
C LYS B 223 11.05 -5.62 31.22
N LEU B 224 11.71 -6.38 30.34
CA LEU B 224 10.97 -7.31 29.49
C LEU B 224 10.77 -8.65 30.18
N GLU B 225 11.82 -9.21 30.77
CA GLU B 225 11.80 -10.57 31.30
C GLU B 225 10.74 -10.80 32.35
N GLU B 226 10.09 -9.75 32.86
CA GLU B 226 9.00 -9.88 33.83
C GLU B 226 7.67 -9.42 33.30
N THR B 227 7.65 -8.50 32.33
CA THR B 227 6.39 -8.05 31.75
C THR B 227 5.92 -9.00 30.67
N LEU B 228 6.78 -9.30 29.71
CA LEU B 228 6.42 -10.16 28.59
C LEU B 228 5.83 -11.51 29.00
N PRO B 229 6.21 -12.15 30.11
CA PRO B 229 5.55 -13.41 30.49
C PRO B 229 4.04 -13.28 30.65
N VAL B 230 3.60 -12.36 31.51
CA VAL B 230 2.16 -12.20 31.71
C VAL B 230 1.51 -11.71 30.42
N ILE B 231 2.26 -10.98 29.59
CA ILE B 231 1.77 -10.59 28.28
C ILE B 231 1.40 -11.82 27.46
N ARG B 232 2.35 -12.74 27.33
CA ARG B 232 2.07 -13.98 26.59
C ARG B 232 0.92 -14.72 27.23
N SER B 233 0.85 -14.72 28.56
CA SER B 233 -0.24 -15.41 29.25
C SER B 233 -1.59 -14.88 28.80
N VAL B 234 -1.79 -13.57 28.92
CA VAL B 234 -3.10 -13.01 28.58
C VAL B 234 -3.35 -13.10 27.08
N SER B 235 -2.31 -13.08 26.26
CA SER B 235 -2.52 -13.27 24.83
C SER B 235 -3.09 -14.66 24.57
N GLU B 236 -2.46 -15.68 25.13
CA GLU B 236 -2.99 -17.03 25.04
C GLU B 236 -4.42 -17.08 25.53
N GLN B 237 -4.70 -16.38 26.64
CA GLN B 237 -6.08 -16.28 27.11
C GLN B 237 -6.98 -15.76 26.00
N PHE B 238 -6.57 -14.68 25.35
CA PHE B 238 -7.40 -14.07 24.32
C PHE B 238 -7.65 -15.03 23.18
N LYS B 239 -6.63 -15.75 22.74
CA LYS B 239 -6.82 -16.67 21.62
C LYS B 239 -7.76 -17.81 21.99
N ASP B 240 -7.92 -18.08 23.27
CA ASP B 240 -8.74 -19.21 23.68
C ASP B 240 -10.21 -18.91 23.44
N PRO B 241 -10.98 -19.87 22.94
CA PRO B 241 -12.41 -19.64 22.71
C PRO B 241 -13.26 -20.02 23.91
N GLU B 242 -12.61 -20.23 25.06
CA GLU B 242 -13.32 -20.79 26.20
C GLU B 242 -13.23 -19.86 27.40
N GLN B 243 -12.18 -19.05 27.44
CA GLN B 243 -11.98 -18.12 28.53
C GLN B 243 -12.39 -16.70 28.19
N THR B 244 -12.41 -16.36 26.91
CA THR B 244 -12.75 -15.02 26.46
C THR B 244 -13.65 -15.09 25.24
N THR B 245 -14.40 -14.02 25.02
CA THR B 245 -15.28 -13.96 23.87
C THR B 245 -15.69 -12.52 23.61
N PHE B 246 -16.19 -12.29 22.40
CA PHE B 246 -16.67 -11.00 21.96
C PHE B 246 -18.18 -11.05 21.83
N ILE B 247 -18.83 -9.93 22.11
CA ILE B 247 -20.26 -9.76 21.88
C ILE B 247 -20.41 -8.45 21.12
N CYS B 248 -20.35 -8.52 19.79
CA CYS B 248 -20.61 -7.33 19.02
C CYS B 248 -22.08 -6.97 19.11
N VAL B 249 -22.39 -5.70 18.85
CA VAL B 249 -23.74 -5.19 19.06
C VAL B 249 -24.08 -4.25 17.92
N CYS B 250 -25.25 -4.48 17.31
CA CYS B 250 -25.64 -3.73 16.12
C CYS B 250 -27.08 -3.25 16.26
N ILE B 251 -27.40 -2.20 15.51
CA ILE B 251 -28.75 -1.71 15.39
C ILE B 251 -29.28 -2.14 14.03
N ALA B 252 -30.60 -2.13 13.88
CA ALA B 252 -31.24 -2.61 12.67
C ALA B 252 -31.21 -1.54 11.58
N GLU B 253 -30.01 -1.15 11.18
CA GLU B 253 -29.83 -0.27 10.04
C GLU B 253 -28.68 -0.79 9.20
N PHE B 254 -28.89 -0.78 7.89
CA PHE B 254 -28.01 -1.53 6.99
C PHE B 254 -26.55 -1.14 7.18
N LEU B 255 -26.28 0.15 7.39
CA LEU B 255 -24.89 0.55 7.59
C LEU B 255 -24.29 -0.14 8.78
N SER B 256 -24.97 -0.12 9.93
CA SER B 256 -24.44 -0.79 11.11
C SER B 256 -24.34 -2.28 10.88
N LEU B 257 -25.28 -2.84 10.11
CA LEU B 257 -25.22 -4.27 9.82
C LEU B 257 -23.94 -4.61 9.07
N TYR B 258 -23.68 -3.90 7.97
CA TYR B 258 -22.47 -4.16 7.21
C TYR B 258 -21.23 -3.94 8.05
N GLU B 259 -21.27 -2.91 8.89
CA GLU B 259 -20.13 -2.64 9.76
C GLU B 259 -19.84 -3.82 10.67
N THR B 260 -20.86 -4.32 11.37
CA THR B 260 -20.66 -5.47 12.23
C THR B 260 -20.23 -6.69 11.43
N GLU B 261 -20.70 -6.80 10.19
CA GLU B 261 -20.21 -7.89 9.35
C GLU B 261 -18.71 -7.80 9.20
N ARG B 262 -18.21 -6.62 8.82
CA ARG B 262 -16.77 -6.45 8.71
C ARG B 262 -16.10 -6.77 10.04
N LEU B 263 -16.73 -6.37 11.14
CA LEU B 263 -16.15 -6.62 12.45
C LEU B 263 -15.97 -8.10 12.69
N ILE B 264 -17.00 -8.89 12.40
CA ILE B 264 -16.94 -10.31 12.64
C ILE B 264 -15.91 -10.97 11.75
N GLN B 265 -15.86 -10.57 10.48
CA GLN B 265 -14.82 -11.11 9.61
C GLN B 265 -13.44 -10.78 10.16
N GLU B 266 -13.27 -9.56 10.65
CA GLU B 266 -11.97 -9.17 11.20
C GLU B 266 -11.63 -9.97 12.43
N LEU B 267 -12.63 -10.24 13.27
CA LEU B 267 -12.40 -11.05 14.47
C LEU B 267 -11.94 -12.45 14.08
N ALA B 268 -12.78 -13.17 13.34
CA ALA B 268 -12.41 -14.51 12.91
C ALA B 268 -11.06 -14.51 12.21
N LYS B 269 -10.70 -13.41 11.54
CA LYS B 269 -9.36 -13.29 11.00
C LYS B 269 -8.33 -13.28 12.11
N CYS B 270 -8.49 -12.38 13.07
CA CYS B 270 -7.53 -12.22 14.14
C CYS B 270 -7.65 -13.29 15.21
N LYS B 271 -8.39 -14.36 14.93
CA LYS B 271 -8.47 -15.54 15.80
C LYS B 271 -9.00 -15.18 17.19
N ILE B 272 -10.20 -14.62 17.20
CA ILE B 272 -11.00 -14.52 18.42
C ILE B 272 -12.25 -15.32 18.12
N ASP B 273 -13.14 -15.47 19.08
CA ASP B 273 -14.40 -16.12 18.81
C ASP B 273 -15.54 -15.22 19.23
N THR B 274 -16.74 -15.61 18.85
CA THR B 274 -17.94 -14.85 19.17
C THR B 274 -19.15 -15.68 18.84
N HIS B 275 -20.22 -15.44 19.57
CA HIS B 275 -21.46 -16.17 19.35
C HIS B 275 -22.69 -15.31 19.50
N ASN B 276 -22.56 -14.01 19.69
CA ASN B 276 -23.67 -13.26 20.26
C ASN B 276 -23.73 -11.86 19.64
N ILE B 277 -24.91 -11.48 19.18
CA ILE B 277 -25.10 -10.17 18.60
C ILE B 277 -26.34 -9.55 19.20
N ILE B 278 -26.15 -8.72 20.22
CA ILE B 278 -27.27 -7.96 20.74
C ILE B 278 -27.69 -6.92 19.71
N VAL B 279 -28.99 -6.78 19.53
CA VAL B 279 -29.53 -5.70 18.74
C VAL B 279 -30.14 -4.70 19.70
N ASN B 280 -30.50 -3.53 19.17
CA ASN B 280 -30.92 -2.46 20.05
C ASN B 280 -31.72 -1.43 19.26
N GLN B 281 -32.43 -0.59 20.00
CA GLN B 281 -33.40 0.34 19.42
C GLN B 281 -34.35 -0.41 18.47
N LEU B 282 -35.04 -1.38 19.06
CA LEU B 282 -36.00 -2.20 18.33
C LEU B 282 -37.39 -1.73 18.68
N VAL B 283 -38.12 -1.24 17.67
CA VAL B 283 -39.50 -0.89 17.90
C VAL B 283 -40.33 -2.17 17.94
N PHE B 284 -41.43 -2.13 18.67
CA PHE B 284 -42.34 -3.26 18.78
C PHE B 284 -43.77 -2.77 18.90
N PRO B 285 -44.57 -2.88 17.86
CA PRO B 285 -45.96 -2.43 17.93
C PRO B 285 -46.89 -3.49 18.48
N ASP B 286 -47.64 -3.15 19.52
CA ASP B 286 -48.61 -4.08 20.07
C ASP B 286 -49.72 -4.35 19.05
N PRO B 287 -50.45 -5.46 19.20
CA PRO B 287 -51.61 -5.70 18.33
C PRO B 287 -52.65 -4.60 18.46
N GLU B 288 -52.53 -3.80 19.51
CA GLU B 288 -53.38 -2.62 19.70
C GLU B 288 -53.10 -1.64 18.56
N LYS B 289 -53.82 -0.53 18.56
CA LYS B 289 -53.70 0.50 17.52
C LYS B 289 -52.24 0.86 17.30
N PRO B 290 -51.64 0.49 16.17
CA PRO B 290 -50.28 0.93 15.88
C PRO B 290 -50.27 2.23 15.09
N CYS B 291 -49.64 3.28 15.61
CA CYS B 291 -49.36 4.42 14.76
C CYS B 291 -48.51 3.94 13.59
N LYS B 292 -49.01 4.19 12.37
CA LYS B 292 -48.44 3.55 11.20
C LYS B 292 -46.94 3.79 11.08
N MET B 293 -46.44 4.87 11.68
CA MET B 293 -45.00 5.07 11.74
C MET B 293 -44.32 3.92 12.47
N CYS B 294 -44.83 3.54 13.64
CA CYS B 294 -44.30 2.37 14.33
C CYS B 294 -44.23 1.17 13.40
N GLU B 295 -45.36 0.77 12.81
CA GLU B 295 -45.36 -0.46 12.03
C GLU B 295 -44.55 -0.34 10.75
N ALA B 296 -44.35 0.87 10.22
CA ALA B 296 -43.50 1.02 9.05
C ALA B 296 -42.04 0.84 9.41
N ARG B 297 -41.58 1.56 10.43
CA ARG B 297 -40.26 1.29 10.99
C ARG B 297 -40.12 -0.19 11.31
N HIS B 298 -41.22 -0.82 11.71
CA HIS B 298 -41.19 -2.23 12.03
C HIS B 298 -40.97 -3.07 10.78
N LYS B 299 -41.62 -2.70 9.68
CA LYS B 299 -41.36 -3.40 8.43
C LYS B 299 -39.90 -3.27 8.04
N ILE B 300 -39.33 -2.10 8.23
CA ILE B 300 -37.92 -1.88 7.87
C ILE B 300 -37.03 -2.73 8.74
N GLN B 301 -37.18 -2.61 10.07
CA GLN B 301 -36.37 -3.41 10.98
C GLN B 301 -36.59 -4.90 10.73
N ALA B 302 -37.79 -5.29 10.30
CA ALA B 302 -38.03 -6.69 10.03
C ALA B 302 -37.26 -7.14 8.81
N LYS B 303 -37.24 -6.32 7.76
CA LYS B 303 -36.45 -6.68 6.59
C LYS B 303 -34.98 -6.85 6.96
N TYR B 304 -34.44 -5.89 7.72
CA TYR B 304 -33.03 -5.99 8.10
C TYR B 304 -32.77 -7.17 9.01
N LEU B 305 -33.60 -7.35 10.04
CA LEU B 305 -33.43 -8.46 10.96
C LEU B 305 -33.49 -9.79 10.23
N ASP B 306 -34.56 -10.01 9.47
CA ASP B 306 -34.67 -11.18 8.61
C ASP B 306 -33.39 -11.41 7.83
N GLN B 307 -32.94 -10.40 7.10
CA GLN B 307 -31.70 -10.52 6.36
C GLN B 307 -30.56 -10.97 7.25
N MET B 308 -30.55 -10.51 8.50
CA MET B 308 -29.49 -10.88 9.41
C MET B 308 -29.61 -12.34 9.84
N GLU B 309 -30.83 -12.82 9.96
CA GLU B 309 -31.13 -14.13 10.53
C GLU B 309 -30.42 -15.25 9.77
N ASP B 310 -30.75 -15.41 8.50
CA ASP B 310 -30.16 -16.48 7.69
C ASP B 310 -28.65 -16.42 7.71
N LEU B 311 -28.06 -15.28 8.03
CA LEU B 311 -26.62 -15.13 7.91
C LEU B 311 -25.93 -15.56 9.20
N TYR B 312 -26.27 -14.94 10.31
CA TYR B 312 -25.62 -15.23 11.57
C TYR B 312 -26.35 -16.32 12.34
N GLU B 313 -26.63 -17.44 11.68
CA GLU B 313 -27.38 -18.50 12.34
C GLU B 313 -26.56 -19.17 13.42
N ASP B 314 -25.27 -19.38 13.16
CA ASP B 314 -24.38 -20.00 14.13
C ASP B 314 -24.32 -19.24 15.45
N PHE B 315 -24.59 -17.94 15.45
CA PHE B 315 -24.53 -17.14 16.66
C PHE B 315 -25.92 -16.97 17.25
N HIS B 316 -25.96 -16.68 18.53
CA HIS B 316 -27.22 -16.29 19.14
C HIS B 316 -27.64 -14.92 18.62
N ILE B 317 -28.86 -14.52 18.97
CA ILE B 317 -29.35 -13.19 18.69
C ILE B 317 -30.13 -12.72 19.90
N VAL B 318 -30.02 -11.44 20.20
CA VAL B 318 -30.63 -10.87 21.40
C VAL B 318 -31.48 -9.69 20.95
N LYS B 319 -32.76 -9.95 20.70
CA LYS B 319 -33.69 -8.85 20.52
C LYS B 319 -33.75 -8.04 21.81
N LEU B 320 -33.86 -6.73 21.66
CA LEU B 320 -33.82 -5.87 22.84
C LEU B 320 -34.47 -4.54 22.52
N PRO B 321 -35.78 -4.40 22.75
CA PRO B 321 -36.48 -3.22 22.27
C PRO B 321 -36.05 -1.96 22.99
N LEU B 322 -36.18 -0.85 22.29
CA LEU B 322 -35.96 0.45 22.91
C LEU B 322 -37.00 0.69 23.98
N LEU B 323 -36.56 0.99 25.18
CA LEU B 323 -37.48 1.24 26.26
C LEU B 323 -38.16 2.60 26.07
N PRO B 324 -39.45 2.70 26.30
CA PRO B 324 -40.17 3.92 25.93
C PRO B 324 -40.02 5.04 26.93
N HIS B 325 -38.80 5.30 27.38
CA HIS B 325 -38.60 6.35 28.37
C HIS B 325 -37.15 6.80 28.29
N GLU B 326 -36.70 7.54 29.31
CA GLU B 326 -35.36 8.08 29.35
C GLU B 326 -34.45 7.20 30.20
N VAL B 327 -33.17 7.20 29.86
CA VAL B 327 -32.18 6.30 30.47
C VAL B 327 -31.21 7.15 31.29
N ARG B 328 -31.51 7.30 32.57
CA ARG B 328 -30.57 7.84 33.54
C ARG B 328 -30.88 7.18 34.88
N GLY B 329 -30.20 6.09 35.18
CA GLY B 329 -30.41 5.37 36.42
C GLY B 329 -30.30 3.87 36.23
N ALA B 330 -30.40 3.17 37.37
CA ALA B 330 -30.19 1.73 37.37
C ALA B 330 -31.32 0.99 36.65
N ASP B 331 -32.56 1.34 36.97
CA ASP B 331 -33.76 0.66 36.47
C ASP B 331 -33.67 0.27 35.00
N LYS B 332 -33.14 1.17 34.17
CA LYS B 332 -32.92 0.83 32.76
C LYS B 332 -32.04 -0.40 32.65
N VAL B 333 -30.86 -0.35 33.25
CA VAL B 333 -29.94 -1.47 33.19
C VAL B 333 -30.57 -2.71 33.81
N ASN B 334 -31.42 -2.51 34.82
CA ASN B 334 -32.02 -3.64 35.51
C ASN B 334 -33.02 -4.36 34.63
N THR B 335 -33.90 -3.60 33.98
CA THR B 335 -34.86 -4.23 33.08
C THR B 335 -34.15 -4.81 31.86
N PHE B 336 -33.04 -4.21 31.44
CA PHE B 336 -32.22 -4.84 30.41
C PHE B 336 -31.71 -6.19 30.87
N SER B 337 -31.06 -6.21 32.04
CA SER B 337 -30.58 -7.46 32.64
C SER B 337 -31.66 -8.52 32.62
N ALA B 338 -32.87 -8.15 33.06
CA ALA B 338 -34.00 -9.04 32.93
C ALA B 338 -34.14 -9.51 31.48
N LEU B 339 -34.14 -8.56 30.54
CA LEU B 339 -34.33 -8.90 29.13
C LEU B 339 -33.23 -9.82 28.62
N LEU B 340 -32.06 -9.77 29.20
CA LEU B 340 -30.98 -10.59 28.65
C LEU B 340 -31.06 -12.03 29.04
N LEU B 341 -32.18 -12.49 29.60
CA LEU B 341 -32.38 -13.91 29.87
C LEU B 341 -33.57 -14.47 29.12
N GLU B 342 -34.70 -13.80 29.16
CA GLU B 342 -35.86 -14.26 28.42
C GLU B 342 -36.09 -13.36 27.21
N PRO B 343 -36.59 -13.91 26.11
CA PRO B 343 -36.96 -13.08 24.96
C PRO B 343 -37.96 -12.02 25.38
N TYR B 344 -37.90 -10.87 24.71
CA TYR B 344 -38.76 -9.76 25.08
C TYR B 344 -40.22 -10.09 24.74
N LYS B 345 -41.10 -9.81 25.69
CA LYS B 345 -42.53 -9.95 25.49
C LYS B 345 -43.21 -8.66 25.92
N PRO B 346 -43.84 -7.91 25.00
CA PRO B 346 -44.52 -6.66 25.36
C PRO B 346 -45.84 -6.90 26.08
N ALA C 5 58.92 -26.28 -16.33
CA ALA C 5 57.79 -25.44 -15.97
C ALA C 5 56.57 -26.28 -15.61
N ALA C 6 56.82 -27.54 -15.29
CA ALA C 6 55.77 -28.49 -14.94
C ALA C 6 55.19 -28.08 -13.59
N ASP C 7 55.97 -27.50 -12.68
CA ASP C 7 55.41 -27.02 -11.43
C ASP C 7 54.40 -25.91 -11.66
N HIS C 8 54.75 -24.95 -12.54
CA HIS C 8 53.81 -23.89 -12.87
C HIS C 8 52.60 -24.45 -13.60
N TRP C 9 52.79 -25.45 -14.45
CA TRP C 9 51.68 -26.10 -15.13
C TRP C 9 50.70 -26.70 -14.12
N ALA C 10 51.25 -27.39 -13.11
CA ALA C 10 50.39 -28.00 -12.09
C ALA C 10 49.69 -26.94 -11.25
N TRP C 11 50.37 -25.86 -10.93
CA TRP C 11 49.75 -24.81 -10.12
C TRP C 11 48.66 -24.07 -10.90
N LEU C 12 48.85 -23.89 -12.21
CA LEU C 12 47.81 -23.25 -13.00
C LEU C 12 46.63 -24.18 -13.24
N LEU C 13 46.87 -25.50 -13.31
CA LEU C 13 45.75 -26.44 -13.32
C LEU C 13 44.95 -26.33 -12.02
N VAL C 14 45.66 -26.18 -10.90
CA VAL C 14 45.00 -25.88 -9.63
C VAL C 14 44.11 -24.66 -9.77
N LEU C 15 44.65 -23.58 -10.35
CA LEU C 15 43.86 -22.36 -10.49
C LEU C 15 42.66 -22.56 -11.43
N SER C 16 42.78 -23.47 -12.39
CA SER C 16 41.63 -23.82 -13.22
C SER C 16 40.56 -24.52 -12.40
N PHE C 17 40.97 -25.42 -11.53
CA PHE C 17 39.99 -26.01 -10.61
C PHE C 17 39.40 -24.96 -9.69
N VAL C 18 40.16 -23.89 -9.41
CA VAL C 18 39.62 -22.77 -8.65
C VAL C 18 38.51 -22.09 -9.42
N PHE C 19 38.73 -21.81 -10.71
CA PHE C 19 37.60 -21.51 -11.60
C PHE C 19 36.44 -22.45 -11.33
N GLY C 20 36.74 -23.75 -11.26
CA GLY C 20 35.71 -24.73 -10.98
C GLY C 20 34.87 -24.40 -9.75
N CYS C 21 35.45 -23.67 -8.79
CA CYS C 21 34.69 -23.35 -7.57
C CYS C 21 33.52 -22.43 -7.86
N ASN C 22 33.74 -21.35 -8.59
CA ASN C 22 32.62 -20.48 -8.91
C ASN C 22 31.78 -21.07 -10.03
N VAL C 23 32.33 -22.04 -10.77
CA VAL C 23 31.46 -22.89 -11.58
C VAL C 23 30.44 -23.59 -10.69
N LEU C 24 30.90 -24.19 -9.59
CA LEU C 24 29.96 -24.74 -8.60
C LEU C 24 28.96 -23.68 -8.16
N ARG C 25 29.46 -22.50 -7.79
CA ARG C 25 28.56 -21.44 -7.33
C ARG C 25 27.49 -21.12 -8.35
N ILE C 26 27.82 -21.17 -9.64
CA ILE C 26 26.87 -20.80 -10.67
C ILE C 26 26.05 -22.01 -11.13
N LEU C 27 26.36 -23.20 -10.60
CA LEU C 27 25.51 -24.36 -10.91
C LEU C 27 24.07 -24.23 -10.41
N LEU C 28 23.64 -23.12 -9.83
CA LEU C 28 22.30 -23.06 -9.22
C LEU C 28 21.14 -23.44 -10.14
N PRO C 29 21.12 -23.11 -11.44
CA PRO C 29 19.99 -23.56 -12.26
C PRO C 29 20.02 -25.05 -12.53
N SER C 30 21.21 -25.64 -12.69
CA SER C 30 21.32 -27.06 -12.95
C SER C 30 20.63 -27.89 -11.86
N PHE C 31 20.56 -27.37 -10.64
CA PHE C 31 19.82 -28.01 -9.57
C PHE C 31 18.38 -27.50 -9.50
N SER C 32 18.19 -26.19 -9.52
CA SER C 32 16.87 -25.61 -9.30
C SER C 32 15.89 -25.94 -10.42
N SER C 33 16.38 -26.48 -11.53
CA SER C 33 15.48 -26.91 -12.60
C SER C 33 14.52 -27.99 -12.09
N PHE C 34 15.05 -28.94 -11.31
CA PHE C 34 14.24 -29.97 -10.71
C PHE C 34 13.10 -29.36 -9.90
N MET C 35 13.44 -28.44 -9.01
CA MET C 35 12.44 -27.87 -8.11
C MET C 35 11.43 -27.01 -8.88
N SER C 36 11.88 -26.31 -9.92
CA SER C 36 10.95 -25.53 -10.72
C SER C 36 9.94 -26.43 -11.44
N ARG C 37 10.43 -27.49 -12.08
CA ARG C 37 9.53 -28.44 -12.74
C ARG C 37 8.60 -29.08 -11.73
N VAL C 38 9.07 -29.28 -10.50
CA VAL C 38 8.23 -29.88 -9.46
C VAL C 38 7.12 -28.91 -9.06
N LEU C 39 7.47 -27.64 -8.89
CA LEU C 39 6.51 -26.68 -8.34
C LEU C 39 5.48 -26.26 -9.38
N GLN C 40 5.87 -26.29 -10.67
CA GLN C 40 5.00 -25.82 -11.75
C GLN C 40 3.57 -26.34 -11.64
N LYS C 41 3.40 -27.58 -11.18
CA LYS C 41 2.07 -28.18 -11.09
C LYS C 41 1.18 -27.39 -10.12
N ASP C 42 1.63 -27.28 -8.86
CA ASP C 42 0.87 -26.51 -7.89
C ASP C 42 0.80 -25.05 -8.28
N ALA C 43 1.79 -24.57 -9.05
CA ALA C 43 1.77 -23.19 -9.51
C ALA C 43 0.60 -22.95 -10.47
N GLU C 44 0.37 -23.89 -11.38
CA GLU C 44 -0.73 -23.71 -12.33
C GLU C 44 -2.06 -24.01 -11.67
N GLN C 45 -2.09 -24.94 -10.72
CA GLN C 45 -3.27 -25.12 -9.89
C GLN C 45 -3.62 -23.83 -9.15
N GLU C 46 -2.59 -23.14 -8.66
CA GLU C 46 -2.79 -21.85 -8.00
C GLU C 46 -3.29 -20.79 -8.95
N SER C 47 -2.75 -20.74 -10.17
CA SER C 47 -3.29 -19.85 -11.18
C SER C 47 -4.77 -20.13 -11.41
N GLN C 48 -5.15 -21.42 -11.39
CA GLN C 48 -6.56 -21.76 -11.53
C GLN C 48 -7.36 -21.30 -10.32
N MET C 49 -6.75 -21.35 -9.14
CA MET C 49 -7.38 -20.75 -7.95
C MET C 49 -7.65 -19.28 -8.18
N ARG C 50 -6.64 -18.54 -8.66
CA ARG C 50 -6.83 -17.15 -9.00
C ARG C 50 -7.99 -16.98 -9.97
N ALA C 51 -8.10 -17.91 -10.91
CA ALA C 51 -9.23 -17.91 -11.82
C ALA C 51 -10.54 -17.94 -11.04
N GLU C 52 -10.74 -19.00 -10.26
CA GLU C 52 -11.92 -19.11 -9.40
C GLU C 52 -12.19 -17.83 -8.64
N ILE C 53 -11.13 -17.21 -8.13
CA ILE C 53 -11.25 -15.95 -7.42
C ILE C 53 -11.96 -14.93 -8.30
N GLN C 54 -11.39 -14.66 -9.46
CA GLN C 54 -11.95 -13.67 -10.37
C GLN C 54 -13.38 -14.04 -10.74
N ASP C 55 -13.63 -15.33 -10.88
CA ASP C 55 -14.94 -15.85 -11.22
C ASP C 55 -15.97 -15.41 -10.19
N MET C 56 -15.73 -15.79 -8.94
CA MET C 56 -16.67 -15.43 -7.89
C MET C 56 -16.69 -13.93 -7.67
N LYS C 57 -15.61 -13.23 -8.00
CA LYS C 57 -15.59 -11.78 -7.89
C LYS C 57 -16.61 -11.14 -8.83
N GLN C 58 -16.48 -11.43 -10.12
CA GLN C 58 -17.45 -10.91 -11.06
C GLN C 58 -18.85 -11.42 -10.75
N GLU C 59 -18.95 -12.63 -10.19
CA GLU C 59 -20.24 -13.11 -9.72
C GLU C 59 -20.82 -12.17 -8.67
N LEU C 60 -20.00 -11.82 -7.68
CA LEU C 60 -20.40 -10.83 -6.68
C LEU C 60 -20.85 -9.55 -7.35
N SER C 61 -20.19 -9.19 -8.44
CA SER C 61 -20.52 -7.96 -9.14
C SER C 61 -21.94 -8.01 -9.72
N THR C 62 -22.62 -9.14 -9.54
CA THR C 62 -23.97 -9.31 -10.06
C THR C 62 -25.03 -9.38 -8.98
N VAL C 63 -24.68 -9.10 -7.73
CA VAL C 63 -25.60 -9.28 -6.62
C VAL C 63 -25.83 -7.93 -5.93
N ASN C 64 -26.78 -7.92 -4.99
CA ASN C 64 -27.30 -6.70 -4.39
C ASN C 64 -27.05 -6.73 -2.89
N MET C 65 -26.10 -5.91 -2.42
CA MET C 65 -25.85 -5.82 -0.99
C MET C 65 -27.05 -5.28 -0.23
N MET C 66 -27.84 -4.40 -0.85
CA MET C 66 -28.92 -3.76 -0.12
C MET C 66 -30.01 -4.76 0.27
N ASP C 67 -30.26 -5.77 -0.56
CA ASP C 67 -31.28 -6.76 -0.25
C ASP C 67 -30.69 -8.15 -0.06
N GLU C 68 -29.95 -8.67 -1.04
CA GLU C 68 -29.40 -10.02 -0.93
C GLU C 68 -28.08 -9.99 -0.15
N PHE C 69 -28.15 -9.38 1.04
CA PHE C 69 -26.94 -9.23 1.83
C PHE C 69 -26.43 -10.57 2.33
N ALA C 70 -27.33 -11.51 2.59
CA ALA C 70 -26.93 -12.80 3.12
C ALA C 70 -25.94 -13.47 2.18
N ARG C 71 -26.41 -13.79 0.97
CA ARG C 71 -25.55 -14.40 -0.02
C ARG C 71 -24.29 -13.56 -0.23
N TYR C 72 -24.42 -12.24 -0.13
CA TYR C 72 -23.27 -11.39 -0.34
C TYR C 72 -22.18 -11.70 0.66
N ALA C 73 -22.51 -11.66 1.94
CA ALA C 73 -21.50 -11.94 2.95
C ALA C 73 -21.01 -13.37 2.87
N ARG C 74 -21.90 -14.30 2.51
CA ARG C 74 -21.46 -15.68 2.34
C ARG C 74 -20.34 -15.76 1.30
N LEU C 75 -20.63 -15.28 0.09
CA LEU C 75 -19.63 -15.22 -0.95
C LEU C 75 -18.40 -14.47 -0.50
N GLU C 76 -18.58 -13.41 0.27
CA GLU C 76 -17.43 -12.60 0.67
C GLU C 76 -16.50 -13.39 1.57
N ARG C 77 -17.08 -14.12 2.52
CA ARG C 77 -16.28 -15.02 3.35
C ARG C 77 -15.54 -16.02 2.48
N LYS C 78 -16.26 -16.66 1.55
CA LYS C 78 -15.62 -17.60 0.65
C LYS C 78 -14.45 -16.96 -0.10
N ILE C 79 -14.65 -15.72 -0.54
CA ILE C 79 -13.63 -15.00 -1.30
C ILE C 79 -12.39 -14.81 -0.46
N ASN C 80 -12.55 -14.18 0.70
CA ASN C 80 -11.40 -13.93 1.55
C ASN C 80 -10.71 -15.23 1.92
N LYS C 81 -11.49 -16.29 2.13
CA LYS C 81 -10.91 -17.59 2.45
C LYS C 81 -9.98 -18.05 1.34
N MET C 82 -10.51 -18.19 0.12
CA MET C 82 -9.67 -18.65 -0.98
C MET C 82 -8.50 -17.70 -1.21
N THR C 83 -8.72 -16.41 -0.98
CA THR C 83 -7.67 -15.42 -1.21
C THR C 83 -6.49 -15.67 -0.30
N ASP C 84 -6.73 -15.64 1.01
CA ASP C 84 -5.63 -15.89 1.93
C ASP C 84 -5.06 -17.28 1.73
N LYS C 85 -5.90 -18.23 1.32
CA LYS C 85 -5.42 -19.58 1.05
C LYS C 85 -4.32 -19.56 -0.01
N LEU C 86 -4.62 -18.97 -1.17
CA LEU C 86 -3.63 -18.93 -2.24
C LEU C 86 -2.43 -18.10 -1.84
N LYS C 87 -2.64 -17.00 -1.12
CA LYS C 87 -1.51 -16.15 -0.72
C LYS C 87 -0.56 -16.93 0.17
N THR C 88 -1.10 -17.59 1.19
CA THR C 88 -0.29 -18.46 2.05
C THR C 88 0.41 -19.54 1.24
N HIS C 89 -0.30 -20.13 0.28
CA HIS C 89 0.28 -21.23 -0.47
C HIS C 89 1.49 -20.77 -1.29
N VAL C 90 1.36 -19.63 -1.97
CA VAL C 90 2.47 -19.16 -2.78
C VAL C 90 3.62 -18.69 -1.90
N LYS C 91 3.31 -18.07 -0.75
CA LYS C 91 4.38 -17.71 0.17
C LYS C 91 5.12 -18.95 0.65
N ALA C 92 4.39 -20.03 0.91
CA ALA C 92 5.01 -21.27 1.35
C ALA C 92 5.88 -21.85 0.24
N ARG C 93 5.43 -21.78 -1.01
CA ARG C 93 6.26 -22.28 -2.11
C ARG C 93 7.54 -21.47 -2.23
N THR C 94 7.45 -20.15 -2.06
CA THR C 94 8.66 -19.34 -2.08
C THR C 94 9.58 -19.70 -0.92
N ALA C 95 9.02 -19.96 0.25
CA ALA C 95 9.84 -20.39 1.38
C ALA C 95 10.54 -21.71 1.08
N GLN C 96 9.85 -22.63 0.40
CA GLN C 96 10.46 -23.88 -0.02
C GLN C 96 11.62 -23.63 -0.97
N LEU C 97 11.41 -22.76 -1.95
CA LEU C 97 12.48 -22.45 -2.90
C LEU C 97 13.67 -21.84 -2.19
N ALA C 98 13.43 -20.96 -1.22
CA ALA C 98 14.53 -20.37 -0.46
C ALA C 98 15.26 -21.42 0.36
N LYS C 99 14.51 -22.35 0.96
CA LYS C 99 15.11 -23.49 1.63
C LYS C 99 16.07 -24.23 0.72
N ILE C 100 15.59 -24.58 -0.48
CA ILE C 100 16.40 -25.32 -1.44
C ILE C 100 17.65 -24.53 -1.78
N LYS C 101 17.48 -23.23 -2.05
CA LYS C 101 18.62 -22.39 -2.38
C LYS C 101 19.66 -22.40 -1.28
N TRP C 102 19.21 -22.21 -0.04
CA TRP C 102 20.13 -22.19 1.10
C TRP C 102 20.89 -23.51 1.23
N VAL C 103 20.16 -24.63 1.21
CA VAL C 103 20.80 -25.91 1.49
C VAL C 103 21.75 -26.29 0.36
N ILE C 104 21.38 -25.98 -0.89
CA ILE C 104 22.28 -26.30 -1.99
C ILE C 104 23.49 -25.37 -1.97
N SER C 105 23.31 -24.11 -1.56
CA SER C 105 24.44 -23.21 -1.43
C SER C 105 25.44 -23.73 -0.39
N VAL C 106 24.94 -24.25 0.73
CA VAL C 106 25.85 -24.79 1.72
C VAL C 106 26.47 -26.10 1.24
N ALA C 107 25.72 -26.90 0.48
CA ALA C 107 26.30 -28.10 -0.11
C ALA C 107 27.43 -27.75 -1.06
N PHE C 108 27.32 -26.60 -1.73
CA PHE C 108 28.40 -26.21 -2.62
C PHE C 108 29.54 -25.55 -1.87
N TYR C 109 29.26 -24.95 -0.71
CA TYR C 109 30.31 -24.66 0.24
C TYR C 109 31.10 -25.92 0.57
N VAL C 110 30.39 -27.03 0.80
CA VAL C 110 31.06 -28.30 1.06
C VAL C 110 31.87 -28.74 -0.14
N LEU C 111 31.34 -28.55 -1.34
CA LEU C 111 32.12 -28.82 -2.55
C LEU C 111 33.39 -27.98 -2.59
N GLN C 112 33.29 -26.73 -2.13
CA GLN C 112 34.44 -25.84 -2.07
C GLN C 112 35.51 -26.41 -1.15
N ALA C 113 35.12 -26.78 0.07
CA ALA C 113 36.09 -27.36 1.01
C ALA C 113 36.64 -28.69 0.48
N ALA C 114 35.82 -29.44 -0.28
CA ALA C 114 36.30 -30.66 -0.90
C ALA C 114 37.41 -30.37 -1.89
N LEU C 115 37.21 -29.34 -2.71
CA LEU C 115 38.28 -28.95 -3.63
C LEU C 115 39.51 -28.45 -2.87
N MET C 116 39.30 -27.79 -1.73
CA MET C 116 40.41 -27.37 -0.89
C MET C 116 41.27 -28.56 -0.48
N ILE C 117 40.66 -29.55 0.18
CA ILE C 117 41.41 -30.72 0.62
C ILE C 117 41.98 -31.47 -0.59
N SER C 118 41.29 -31.42 -1.72
CA SER C 118 41.81 -32.00 -2.94
C SER C 118 43.15 -31.38 -3.32
N LEU C 119 43.22 -30.05 -3.34
CA LEU C 119 44.46 -29.38 -3.69
C LEU C 119 45.55 -29.70 -2.67
N ILE C 120 45.18 -29.76 -1.39
CA ILE C 120 46.15 -30.09 -0.35
C ILE C 120 46.79 -31.45 -0.62
N TRP C 121 45.96 -32.48 -0.76
CA TRP C 121 46.46 -33.82 -1.05
C TRP C 121 47.22 -33.84 -2.38
N LYS C 122 46.80 -33.02 -3.33
CA LYS C 122 47.47 -32.95 -4.62
C LYS C 122 48.93 -32.53 -4.45
N TYR C 123 49.16 -31.40 -3.78
CA TYR C 123 50.53 -30.92 -3.67
C TYR C 123 51.32 -31.71 -2.64
N TYR C 124 50.64 -32.45 -1.76
CA TYR C 124 51.30 -33.28 -0.75
C TYR C 124 52.55 -33.99 -1.25
N VAL C 149 53.60 -27.16 6.13
CA VAL C 149 54.83 -26.68 5.50
C VAL C 149 54.61 -25.26 5.00
N ALA C 150 55.71 -24.53 4.80
CA ALA C 150 55.64 -23.17 4.29
C ALA C 150 54.95 -23.13 2.93
N GLY C 151 55.14 -24.18 2.14
CA GLY C 151 54.44 -24.30 0.88
C GLY C 151 52.95 -24.19 1.07
N GLY C 152 52.41 -24.96 2.04
CA GLY C 152 50.99 -24.85 2.34
C GLY C 152 50.64 -23.49 2.90
N VAL C 153 51.43 -23.01 3.87
CA VAL C 153 51.22 -21.70 4.50
C VAL C 153 51.00 -20.62 3.45
N GLY C 154 51.74 -20.68 2.35
CA GLY C 154 51.56 -19.72 1.27
C GLY C 154 50.41 -20.06 0.33
N ILE C 155 50.45 -21.28 -0.23
CA ILE C 155 49.52 -21.65 -1.30
C ILE C 155 48.07 -21.53 -0.83
N THR C 156 47.81 -21.74 0.47
CA THR C 156 46.44 -21.63 0.96
C THR C 156 45.87 -20.26 0.65
N CYS C 157 46.59 -19.20 1.01
CA CYS C 157 46.13 -17.86 0.67
C CYS C 157 46.21 -17.63 -0.83
N TRP C 158 47.26 -18.19 -1.47
CA TRP C 158 47.43 -18.02 -2.92
C TRP C 158 46.20 -18.46 -3.69
N ILE C 159 45.43 -19.40 -3.14
CA ILE C 159 44.26 -19.91 -3.84
C ILE C 159 42.99 -19.31 -3.26
N LEU C 160 42.96 -19.12 -1.93
CA LEU C 160 41.85 -18.43 -1.28
C LEU C 160 41.56 -17.10 -1.97
N VAL C 161 42.60 -16.31 -2.23
CA VAL C 161 42.39 -14.98 -2.77
C VAL C 161 41.63 -15.05 -4.08
N CYS C 162 42.15 -15.82 -5.06
CA CYS C 162 41.51 -15.87 -6.37
C CYS C 162 40.10 -16.46 -6.28
N ASN C 163 39.93 -17.54 -5.51
CA ASN C 163 38.57 -18.10 -5.34
C ASN C 163 37.60 -17.04 -4.87
N LYS C 164 37.88 -16.41 -3.72
CA LYS C 164 36.90 -15.51 -3.13
C LYS C 164 36.73 -14.24 -3.94
N VAL C 165 37.77 -13.77 -4.65
CA VAL C 165 37.59 -12.55 -5.42
C VAL C 165 36.79 -12.81 -6.68
N VAL C 166 36.94 -14.01 -7.28
CA VAL C 166 36.05 -14.36 -8.38
C VAL C 166 34.62 -14.46 -7.88
N ALA C 167 34.44 -15.05 -6.69
CA ALA C 167 33.11 -15.08 -6.08
C ALA C 167 32.58 -13.67 -5.84
N ILE C 168 33.48 -12.73 -5.52
CA ILE C 168 33.08 -11.35 -5.30
C ILE C 168 32.59 -10.72 -6.60
N VAL C 169 33.39 -10.87 -7.66
CA VAL C 169 33.01 -10.30 -8.95
C VAL C 169 31.74 -10.96 -9.48
N LEU C 170 31.41 -12.16 -9.02
CA LEU C 170 30.10 -12.73 -9.34
C LEU C 170 28.94 -11.82 -8.96
N HIS C 171 28.89 -11.34 -7.71
CA HIS C 171 27.78 -10.53 -7.24
C HIS C 171 28.32 -9.35 -6.46
N PRO C 172 28.29 -8.14 -7.05
CA PRO C 172 28.86 -6.91 -6.48
C PRO C 172 28.26 -6.52 -5.14
N ALA D 5 57.44 10.73 -22.53
CA ALA D 5 56.41 9.91 -21.90
C ALA D 5 55.05 10.57 -22.01
N ALA D 6 55.06 11.91 -22.13
CA ALA D 6 53.82 12.66 -22.30
C ALA D 6 53.00 12.16 -23.48
N ASP D 7 53.65 11.60 -24.50
CA ASP D 7 52.95 11.05 -25.65
C ASP D 7 51.75 10.21 -25.25
N HIS D 8 52.00 9.15 -24.49
CA HIS D 8 50.91 8.29 -24.03
C HIS D 8 50.35 8.72 -22.68
N TRP D 9 51.13 9.48 -21.90
CA TRP D 9 50.54 10.13 -20.74
C TRP D 9 49.31 10.92 -21.12
N ALA D 10 49.20 11.36 -22.37
CA ALA D 10 47.97 12.00 -22.83
C ALA D 10 46.84 10.99 -23.04
N TRP D 11 47.15 9.86 -23.67
CA TRP D 11 46.15 8.81 -23.82
C TRP D 11 45.68 8.32 -22.46
N LEU D 12 46.39 8.68 -21.40
CA LEU D 12 45.90 8.39 -20.05
C LEU D 12 45.31 9.64 -19.41
N LEU D 13 45.70 10.81 -19.90
CA LEU D 13 45.10 12.06 -19.45
C LEU D 13 43.62 12.08 -19.80
N VAL D 14 43.26 11.43 -20.89
CA VAL D 14 41.85 11.30 -21.25
C VAL D 14 41.12 10.56 -20.13
N LEU D 15 41.75 9.51 -19.61
CA LEU D 15 41.22 8.82 -18.44
C LEU D 15 41.05 9.80 -17.30
N SER D 16 42.16 10.39 -16.86
CA SER D 16 42.11 11.39 -15.79
C SER D 16 40.91 12.32 -15.94
N PHE D 17 40.71 12.83 -17.15
CA PHE D 17 39.57 13.69 -17.42
C PHE D 17 38.27 13.01 -17.05
N VAL D 18 37.99 11.86 -17.67
CA VAL D 18 36.69 11.24 -17.46
C VAL D 18 36.51 10.80 -16.01
N PHE D 19 37.60 10.38 -15.36
CA PHE D 19 37.60 10.19 -13.91
C PHE D 19 36.99 11.40 -13.21
N GLY D 20 37.57 12.58 -13.46
CA GLY D 20 37.04 13.78 -12.85
C GLY D 20 35.58 14.00 -13.17
N CYS D 21 35.22 13.78 -14.43
CA CYS D 21 33.84 13.99 -14.86
C CYS D 21 32.88 13.15 -14.03
N ASN D 22 33.13 11.84 -13.94
CA ASN D 22 32.20 10.98 -13.25
C ASN D 22 32.21 11.22 -11.74
N VAL D 23 33.37 11.48 -11.16
CA VAL D 23 33.37 11.75 -9.71
C VAL D 23 32.62 13.04 -9.44
N LEU D 24 32.62 13.98 -10.38
CA LEU D 24 31.80 15.16 -10.21
C LEU D 24 30.33 14.83 -10.39
N ARG D 25 30.01 13.93 -11.33
CA ARG D 25 28.65 13.44 -11.48
C ARG D 25 28.12 12.89 -10.17
N ILE D 26 28.98 12.26 -9.39
CA ILE D 26 28.61 11.83 -8.05
C ILE D 26 28.69 12.97 -7.04
N LEU D 27 29.49 14.00 -7.31
CA LEU D 27 29.64 15.14 -6.40
C LEU D 27 28.40 16.02 -6.36
N LEU D 28 27.64 16.07 -7.45
CA LEU D 28 26.46 16.93 -7.60
C LEU D 28 25.59 17.02 -6.34
N PRO D 29 25.44 15.93 -5.57
CA PRO D 29 24.83 16.08 -4.23
C PRO D 29 25.41 17.17 -3.34
N SER D 30 26.54 17.78 -3.68
CA SER D 30 27.02 18.93 -2.91
C SER D 30 26.12 20.16 -3.12
N PHE D 31 25.94 20.56 -4.37
CA PHE D 31 24.94 21.58 -4.65
C PHE D 31 23.58 21.13 -4.19
N SER D 32 23.30 19.82 -4.24
CA SER D 32 22.06 19.34 -3.65
C SER D 32 22.02 19.59 -2.15
N SER D 33 23.17 19.62 -1.49
CA SER D 33 23.22 19.89 -0.05
C SER D 33 22.99 21.37 0.22
N PHE D 34 23.45 22.25 -0.67
CA PHE D 34 23.02 23.65 -0.59
C PHE D 34 21.49 23.74 -0.69
N MET D 35 20.93 23.05 -1.66
CA MET D 35 19.48 22.98 -1.77
C MET D 35 18.88 22.34 -0.51
N SER D 36 19.66 21.50 0.17
CA SER D 36 19.19 20.87 1.38
C SER D 36 19.16 21.84 2.54
N ARG D 37 20.06 22.83 2.56
CA ARG D 37 19.96 23.88 3.56
C ARG D 37 18.73 24.74 3.29
N VAL D 38 18.40 24.95 2.01
CA VAL D 38 17.13 25.58 1.68
C VAL D 38 15.96 24.75 2.22
N LEU D 39 16.00 23.45 1.96
CA LEU D 39 15.01 22.52 2.47
C LEU D 39 14.97 22.53 4.00
N GLN D 40 16.09 22.83 4.64
CA GLN D 40 16.11 22.87 6.10
C GLN D 40 15.40 24.11 6.63
N LYS D 41 15.54 25.24 5.94
CA LYS D 41 14.73 26.40 6.29
C LYS D 41 13.24 26.08 6.19
N ASP D 42 12.81 25.66 4.99
CA ASP D 42 11.39 25.35 4.85
C ASP D 42 10.98 24.16 5.71
N ALA D 43 11.95 23.33 6.14
CA ALA D 43 11.65 22.24 7.03
C ALA D 43 11.42 22.74 8.45
N GLU D 44 12.14 23.79 8.86
CA GLU D 44 11.81 24.46 10.10
C GLU D 44 10.36 24.92 10.08
N GLN D 45 9.95 25.58 9.01
CA GLN D 45 8.57 26.08 8.96
C GLN D 45 7.57 24.91 8.95
N GLU D 46 7.84 23.88 8.16
CA GLU D 46 6.92 22.75 8.12
C GLU D 46 6.92 22.00 9.46
N SER D 47 8.00 22.08 10.21
CA SER D 47 8.04 21.43 11.52
C SER D 47 7.16 22.18 12.50
N GLN D 48 7.17 23.51 12.43
CA GLN D 48 6.16 24.28 13.15
C GLN D 48 4.76 23.79 12.81
N MET D 49 4.50 23.61 11.51
CA MET D 49 3.21 23.07 11.10
C MET D 49 2.95 21.70 11.72
N ARG D 50 3.95 20.82 11.70
CA ARG D 50 3.78 19.48 12.24
C ARG D 50 3.45 19.52 13.73
N ALA D 51 4.09 20.42 14.46
CA ALA D 51 3.78 20.56 15.88
C ALA D 51 2.33 20.98 16.07
N GLU D 52 1.89 21.99 15.33
CA GLU D 52 0.48 22.34 15.33
C GLU D 52 -0.39 21.11 15.08
N ILE D 53 0.03 20.28 14.12
CA ILE D 53 -0.76 19.12 13.72
C ILE D 53 -0.91 18.15 14.89
N GLN D 54 0.20 17.81 15.53
CA GLN D 54 0.14 16.91 16.67
C GLN D 54 -0.74 17.48 17.77
N ASP D 55 -0.63 18.79 18.01
CA ASP D 55 -1.46 19.45 19.00
C ASP D 55 -2.94 19.22 18.70
N MET D 56 -3.37 19.68 17.53
CA MET D 56 -4.78 19.57 17.19
C MET D 56 -5.23 18.12 17.14
N LYS D 57 -4.35 17.20 16.77
CA LYS D 57 -4.68 15.79 16.79
C LYS D 57 -5.04 15.33 18.19
N GLN D 58 -4.21 15.68 19.17
CA GLN D 58 -4.53 15.34 20.55
C GLN D 58 -5.84 15.98 20.97
N GLU D 59 -6.00 17.27 20.68
CA GLU D 59 -7.26 17.95 20.96
C GLU D 59 -8.43 17.12 20.48
N LEU D 60 -8.44 16.79 19.19
CA LEU D 60 -9.43 15.90 18.61
C LEU D 60 -9.63 14.67 19.46
N SER D 61 -8.53 13.96 19.76
CA SER D 61 -8.62 12.74 20.55
C SER D 61 -9.30 12.95 21.88
N THR D 62 -9.32 14.18 22.39
CA THR D 62 -10.02 14.45 23.63
C THR D 62 -11.53 14.61 23.48
N VAL D 63 -12.07 14.50 22.27
CA VAL D 63 -13.45 14.90 22.03
C VAL D 63 -14.30 13.68 21.69
N ASN D 64 -15.55 13.73 22.14
CA ASN D 64 -16.52 12.67 21.90
C ASN D 64 -17.23 12.92 20.57
N MET D 65 -17.27 11.90 19.71
CA MET D 65 -17.97 12.04 18.45
C MET D 65 -19.46 11.93 18.62
N MET D 66 -19.92 10.93 19.37
CA MET D 66 -21.34 10.60 19.40
C MET D 66 -22.16 11.71 20.05
N ASP D 67 -21.51 12.70 20.65
CA ASP D 67 -22.26 13.76 21.30
C ASP D 67 -21.71 15.15 21.02
N GLU D 68 -20.55 15.28 20.39
CA GLU D 68 -20.00 16.58 20.02
C GLU D 68 -19.42 16.50 18.61
N PHE D 69 -20.22 15.93 17.70
CA PHE D 69 -19.74 15.69 16.34
C PHE D 69 -19.30 16.98 15.66
N ALA D 70 -19.91 18.10 16.05
CA ALA D 70 -19.62 19.36 15.39
C ALA D 70 -18.13 19.69 15.46
N ARG D 71 -17.61 19.85 16.67
CA ARG D 71 -16.19 20.12 16.85
C ARG D 71 -15.35 19.08 16.14
N TYR D 72 -15.76 17.82 16.21
CA TYR D 72 -14.96 16.76 15.61
C TYR D 72 -14.79 16.99 14.12
N ALA D 73 -15.88 17.26 13.42
CA ALA D 73 -15.77 17.47 11.99
C ALA D 73 -15.00 18.75 11.67
N ARG D 74 -15.29 19.83 12.40
CA ARG D 74 -14.56 21.07 12.14
C ARG D 74 -13.06 20.85 12.28
N LEU D 75 -12.67 20.16 13.34
CA LEU D 75 -11.27 19.77 13.49
C LEU D 75 -10.80 19.00 12.27
N GLU D 76 -11.40 17.83 12.02
CA GLU D 76 -10.98 16.96 10.93
C GLU D 76 -10.72 17.76 9.66
N ARG D 77 -11.60 18.71 9.37
CA ARG D 77 -11.38 19.58 8.22
C ARG D 77 -10.11 20.39 8.38
N LYS D 78 -9.94 21.04 9.53
CA LYS D 78 -8.73 21.82 9.76
C LYS D 78 -7.48 20.95 9.65
N ILE D 79 -7.58 19.71 10.12
CA ILE D 79 -6.46 18.79 10.10
C ILE D 79 -6.07 18.48 8.67
N ASN D 80 -7.04 18.06 7.86
CA ASN D 80 -6.75 17.77 6.47
C ASN D 80 -6.26 19.00 5.74
N LYS D 81 -6.68 20.19 6.18
CA LYS D 81 -6.16 21.40 5.57
C LYS D 81 -4.68 21.57 5.87
N MET D 82 -4.29 21.45 7.14
CA MET D 82 -2.87 21.50 7.45
C MET D 82 -2.11 20.42 6.70
N THR D 83 -2.74 19.26 6.50
CA THR D 83 -2.08 18.17 5.79
C THR D 83 -1.86 18.53 4.34
N ASP D 84 -2.84 19.16 3.70
CA ASP D 84 -2.65 19.60 2.34
C ASP D 84 -1.58 20.67 2.26
N LYS D 85 -1.49 21.52 3.28
CA LYS D 85 -0.41 22.49 3.34
C LYS D 85 0.95 21.80 3.33
N LEU D 86 1.14 20.84 4.23
CA LEU D 86 2.44 20.16 4.29
C LEU D 86 2.71 19.40 3.00
N LYS D 87 1.68 18.80 2.41
CA LYS D 87 1.87 18.10 1.15
C LYS D 87 2.27 19.06 0.05
N THR D 88 1.69 20.26 0.05
CA THR D 88 2.09 21.28 -0.91
C THR D 88 3.55 21.65 -0.73
N HIS D 89 3.98 21.81 0.51
CA HIS D 89 5.39 22.13 0.76
C HIS D 89 6.29 20.99 0.31
N VAL D 90 5.87 19.74 0.54
CA VAL D 90 6.65 18.59 0.07
C VAL D 90 6.76 18.62 -1.45
N LYS D 91 5.65 18.89 -2.11
CA LYS D 91 5.66 19.01 -3.56
C LYS D 91 6.63 20.10 -4.01
N ALA D 92 6.61 21.25 -3.33
CA ALA D 92 7.53 22.33 -3.69
C ALA D 92 8.98 21.89 -3.52
N ARG D 93 9.25 21.14 -2.46
CA ARG D 93 10.61 20.68 -2.20
C ARG D 93 11.08 19.73 -3.29
N THR D 94 10.28 18.70 -3.57
CA THR D 94 10.68 17.77 -4.62
C THR D 94 10.70 18.42 -5.99
N ALA D 95 9.89 19.47 -6.20
CA ALA D 95 9.91 20.16 -7.48
C ALA D 95 11.20 20.95 -7.65
N GLN D 96 11.60 21.71 -6.63
CA GLN D 96 12.87 22.41 -6.73
C GLN D 96 14.04 21.44 -6.75
N LEU D 97 13.87 20.26 -6.15
CA LEU D 97 14.90 19.23 -6.28
C LEU D 97 14.99 18.72 -7.70
N ALA D 98 13.85 18.53 -8.37
CA ALA D 98 13.87 18.17 -9.78
C ALA D 98 14.51 19.27 -10.61
N LYS D 99 14.24 20.53 -10.23
CA LYS D 99 14.85 21.67 -10.93
C LYS D 99 16.36 21.60 -10.84
N ILE D 100 16.90 21.47 -9.62
CA ILE D 100 18.34 21.41 -9.45
C ILE D 100 18.89 20.17 -10.13
N LYS D 101 18.18 19.05 -10.05
CA LYS D 101 18.65 17.84 -10.71
C LYS D 101 18.81 18.06 -12.20
N TRP D 102 17.80 18.67 -12.83
CA TRP D 102 17.87 18.87 -14.26
C TRP D 102 18.98 19.85 -14.63
N VAL D 103 19.05 20.99 -13.93
CA VAL D 103 20.05 21.99 -14.31
C VAL D 103 21.45 21.44 -14.10
N ILE D 104 21.64 20.63 -13.06
CA ILE D 104 22.97 20.10 -12.79
C ILE D 104 23.29 18.95 -13.73
N SER D 105 22.28 18.19 -14.16
CA SER D 105 22.49 17.20 -15.21
C SER D 105 22.94 17.89 -16.50
N VAL D 106 22.32 19.02 -16.82
CA VAL D 106 22.74 19.77 -18.00
C VAL D 106 24.15 20.29 -17.80
N ALA D 107 24.49 20.73 -16.59
CA ALA D 107 25.86 21.14 -16.31
C ALA D 107 26.84 20.02 -16.59
N PHE D 108 26.51 18.82 -16.11
CA PHE D 108 27.38 17.66 -16.33
C PHE D 108 27.52 17.37 -17.82
N TYR D 109 26.41 17.31 -18.54
CA TYR D 109 26.47 16.95 -19.95
C TYR D 109 27.15 18.04 -20.77
N VAL D 110 27.02 19.30 -20.36
CA VAL D 110 27.67 20.36 -21.12
C VAL D 110 29.15 20.37 -20.81
N LEU D 111 29.55 19.97 -19.61
CA LEU D 111 30.98 19.78 -19.38
C LEU D 111 31.50 18.56 -20.13
N GLN D 112 30.64 17.57 -20.36
CA GLN D 112 30.99 16.47 -21.24
C GLN D 112 31.30 16.99 -22.65
N ALA D 113 30.41 17.83 -23.16
CA ALA D 113 30.68 18.48 -24.45
C ALA D 113 31.96 19.30 -24.41
N ALA D 114 32.18 19.99 -23.29
CA ALA D 114 33.37 20.83 -23.15
C ALA D 114 34.64 19.99 -23.25
N LEU D 115 34.71 18.91 -22.46
CA LEU D 115 35.88 18.06 -22.54
C LEU D 115 36.02 17.43 -23.91
N MET D 116 34.89 17.13 -24.56
CA MET D 116 34.94 16.60 -25.92
C MET D 116 35.69 17.56 -26.82
N ILE D 117 35.17 18.78 -26.93
CA ILE D 117 35.79 19.74 -27.85
C ILE D 117 37.20 20.07 -27.39
N SER D 118 37.49 19.94 -26.10
CA SER D 118 38.84 20.20 -25.61
C SER D 118 39.81 19.15 -26.14
N LEU D 119 39.53 17.88 -25.88
CA LEU D 119 40.39 16.83 -26.42
C LEU D 119 40.48 16.91 -27.93
N ILE D 120 39.41 17.35 -28.59
CA ILE D 120 39.48 17.53 -30.03
C ILE D 120 40.49 18.61 -30.39
N TRP D 121 40.45 19.74 -29.68
CA TRP D 121 41.43 20.78 -29.90
C TRP D 121 42.84 20.24 -29.65
N LYS D 122 42.96 19.29 -28.74
CA LYS D 122 44.29 18.81 -28.35
C LYS D 122 44.83 17.79 -29.34
N TYR D 123 43.96 17.04 -30.03
CA TYR D 123 44.50 16.11 -31.01
C TYR D 123 44.36 16.61 -32.45
N TYR D 124 43.16 16.96 -32.89
CA TYR D 124 42.87 17.34 -34.27
C TYR D 124 43.56 16.42 -35.29
N VAL D 149 39.94 10.85 -35.91
CA VAL D 149 38.69 10.17 -36.25
C VAL D 149 38.58 8.85 -35.50
N ALA D 150 39.37 7.86 -35.94
CA ALA D 150 39.41 6.59 -35.22
C ALA D 150 39.89 6.78 -33.79
N GLY D 151 40.95 7.58 -33.61
CA GLY D 151 41.39 7.92 -32.27
C GLY D 151 40.31 8.62 -31.47
N GLY D 152 39.52 9.48 -32.12
CA GLY D 152 38.47 10.18 -31.40
C GLY D 152 37.36 9.26 -30.92
N VAL D 153 36.88 8.38 -31.81
CA VAL D 153 35.83 7.45 -31.39
C VAL D 153 36.38 6.50 -30.33
N GLY D 154 37.65 6.14 -30.43
CA GLY D 154 38.30 5.44 -29.34
C GLY D 154 38.19 6.21 -28.04
N ILE D 155 38.59 7.48 -28.05
CA ILE D 155 38.50 8.34 -26.87
C ILE D 155 37.11 8.22 -26.24
N THR D 156 36.10 8.52 -27.06
CA THR D 156 34.73 8.52 -26.59
C THR D 156 34.36 7.18 -25.97
N CYS D 157 34.68 6.08 -26.64
CA CYS D 157 34.23 4.80 -26.13
C CYS D 157 34.92 4.48 -24.83
N TRP D 158 36.25 4.60 -24.79
CA TRP D 158 36.95 4.39 -23.53
C TRP D 158 36.25 5.11 -22.41
N ILE D 159 36.20 6.45 -22.51
CA ILE D 159 35.69 7.23 -21.40
C ILE D 159 34.27 6.78 -21.06
N LEU D 160 33.34 6.96 -22.00
CA LEU D 160 31.94 6.68 -21.72
C LEU D 160 31.76 5.26 -21.23
N VAL D 161 32.07 4.28 -22.07
CA VAL D 161 31.74 2.90 -21.76
C VAL D 161 32.47 2.43 -20.50
N CYS D 162 33.80 2.50 -20.48
CA CYS D 162 34.53 1.89 -19.38
C CYS D 162 34.21 2.58 -18.05
N ASN D 163 34.27 3.91 -18.02
CA ASN D 163 34.01 4.57 -16.76
C ASN D 163 32.56 4.49 -16.33
N LYS D 164 31.61 4.55 -17.27
CA LYS D 164 30.22 4.38 -16.90
C LYS D 164 29.93 2.95 -16.45
N VAL D 165 30.68 1.96 -16.95
CA VAL D 165 30.38 0.59 -16.54
C VAL D 165 30.98 0.31 -15.16
N VAL D 166 32.14 0.88 -14.86
CA VAL D 166 32.60 0.77 -13.48
C VAL D 166 31.70 1.60 -12.58
N ALA D 167 31.13 2.68 -13.11
CA ALA D 167 30.13 3.43 -12.36
C ALA D 167 28.88 2.58 -12.13
N ILE D 168 28.55 1.71 -13.09
CA ILE D 168 27.44 0.79 -12.91
C ILE D 168 27.75 -0.21 -11.81
N VAL D 169 29.00 -0.68 -11.77
CA VAL D 169 29.41 -1.57 -10.68
C VAL D 169 29.21 -0.89 -9.33
N LEU D 170 29.63 0.38 -9.23
CA LEU D 170 29.58 1.05 -7.93
C LEU D 170 28.21 1.64 -7.66
N HIS D 171 27.37 1.72 -8.67
CA HIS D 171 26.11 2.47 -8.62
C HIS D 171 25.21 2.01 -9.76
N PRO D 172 24.68 0.78 -9.67
CA PRO D 172 23.85 0.23 -10.77
C PRO D 172 22.59 1.03 -11.01
N ARG E 5 23.83 -10.76 -12.10
CA ARG E 5 23.17 -10.25 -13.29
C ARG E 5 24.19 -9.91 -14.35
N ILE E 6 25.38 -9.50 -13.92
CA ILE E 6 26.46 -9.12 -14.81
C ILE E 6 27.37 -10.30 -14.96
N PHE E 7 26.85 -11.49 -14.66
CA PHE E 7 27.66 -12.71 -14.68
C PHE E 7 28.44 -12.83 -15.98
N ARG E 8 27.74 -13.00 -17.10
CA ARG E 8 28.40 -13.20 -18.38
C ARG E 8 29.14 -11.96 -18.84
N LEU E 9 28.56 -10.78 -18.62
CA LEU E 9 29.21 -9.54 -19.04
C LEU E 9 30.60 -9.43 -18.44
N VAL E 10 30.68 -9.41 -17.11
CA VAL E 10 31.97 -9.23 -16.46
C VAL E 10 32.84 -10.47 -16.64
N GLY E 11 32.23 -11.65 -16.79
CA GLY E 11 33.00 -12.85 -17.03
C GLY E 11 33.79 -12.75 -18.30
N CYS E 12 33.10 -12.48 -19.41
CA CYS E 12 33.81 -12.31 -20.68
C CYS E 12 34.69 -11.08 -20.66
N ALA E 13 34.33 -10.06 -19.87
CA ALA E 13 35.20 -8.90 -19.72
C ALA E 13 36.55 -9.32 -19.16
N LEU E 14 36.53 -10.09 -18.08
CA LEU E 14 37.76 -10.53 -17.46
C LEU E 14 38.47 -11.57 -18.31
N LEU E 15 37.71 -12.38 -19.05
CA LEU E 15 38.33 -13.30 -19.99
C LEU E 15 39.05 -12.54 -21.10
N ALA E 16 38.52 -11.38 -21.47
CA ALA E 16 39.21 -10.51 -22.41
C ALA E 16 40.47 -9.94 -21.79
N LEU E 17 40.37 -9.48 -20.54
CA LEU E 17 41.54 -8.98 -19.82
C LEU E 17 42.61 -10.06 -19.73
N GLY E 18 42.20 -11.32 -19.69
CA GLY E 18 43.16 -12.41 -19.72
C GLY E 18 43.73 -12.63 -21.10
N VAL E 19 42.85 -12.72 -22.09
CA VAL E 19 43.22 -13.14 -23.44
C VAL E 19 44.03 -12.04 -24.12
N ARG E 20 44.09 -10.86 -23.47
CA ARG E 20 44.95 -9.80 -23.97
C ARG E 20 46.34 -10.31 -24.32
N ALA E 21 46.95 -11.09 -23.42
CA ALA E 21 48.33 -11.52 -23.63
C ALA E 21 48.42 -12.47 -24.80
N PHE E 22 47.48 -13.41 -24.90
CA PHE E 22 47.48 -14.34 -26.01
C PHE E 22 47.29 -13.61 -27.34
N VAL E 23 46.40 -12.62 -27.37
CA VAL E 23 46.03 -12.04 -28.65
C VAL E 23 47.11 -11.06 -29.12
N CYS E 24 47.54 -10.13 -28.25
CA CYS E 24 48.62 -9.25 -28.64
C CYS E 24 49.96 -9.98 -28.58
N LYS E 25 49.93 -11.26 -28.20
CA LYS E 25 51.02 -12.18 -28.46
C LYS E 25 50.91 -12.80 -29.85
N TYR E 26 49.78 -12.62 -30.53
CA TYR E 26 49.56 -13.06 -31.90
C TYR E 26 49.76 -14.57 -32.04
N LEU E 27 48.86 -15.31 -31.38
CA LEU E 27 48.75 -16.74 -31.64
C LEU E 27 48.64 -16.99 -33.14
N SER E 28 47.73 -16.28 -33.78
CA SER E 28 47.47 -16.45 -35.20
C SER E 28 46.81 -15.17 -35.71
N ILE E 29 46.21 -15.25 -36.90
CA ILE E 29 45.64 -14.10 -37.59
C ILE E 29 44.16 -14.03 -37.24
N PHE E 30 43.80 -14.64 -36.12
CA PHE E 30 42.40 -14.69 -35.70
C PHE E 30 42.13 -13.65 -34.61
N ALA E 31 42.93 -12.58 -34.57
CA ALA E 31 43.02 -11.68 -33.42
C ALA E 31 41.67 -11.04 -33.07
N PRO E 32 41.06 -10.22 -33.93
CA PRO E 32 39.73 -9.71 -33.56
C PRO E 32 38.66 -10.75 -33.76
N PHE E 33 39.01 -11.88 -34.37
CA PHE E 33 38.02 -12.91 -34.67
C PHE E 33 37.71 -13.74 -33.42
N LEU E 34 38.74 -14.04 -32.63
CA LEU E 34 38.50 -14.81 -31.42
C LEU E 34 37.67 -13.99 -30.45
N THR E 35 37.74 -12.66 -30.55
CA THR E 35 36.82 -11.82 -29.78
C THR E 35 35.38 -12.09 -30.17
N LEU E 36 35.10 -12.14 -31.47
CA LEU E 36 33.78 -12.51 -31.95
C LEU E 36 33.39 -13.87 -31.41
N GLN E 37 34.34 -14.79 -31.30
CA GLN E 37 34.00 -16.12 -30.81
C GLN E 37 33.74 -16.13 -29.31
N LEU E 38 34.43 -15.29 -28.55
CA LEU E 38 34.09 -15.08 -27.15
C LEU E 38 32.65 -14.63 -27.01
N ALA E 39 32.28 -13.59 -27.78
CA ALA E 39 30.88 -13.18 -27.80
C ALA E 39 29.96 -14.32 -28.22
N TYR E 40 30.40 -15.12 -29.18
CA TYR E 40 29.62 -16.25 -29.68
C TYR E 40 29.31 -17.24 -28.57
N MET E 41 30.23 -17.37 -27.62
CA MET E 41 29.95 -18.16 -26.42
C MET E 41 28.77 -17.58 -25.64
N GLY E 42 28.42 -16.33 -25.92
CA GLY E 42 27.38 -15.66 -25.16
C GLY E 42 26.04 -16.39 -25.21
N LEU E 43 25.67 -16.91 -26.38
CA LEU E 43 24.38 -17.57 -26.48
C LEU E 43 24.38 -18.95 -25.85
N TYR E 44 25.49 -19.69 -25.94
CA TYR E 44 25.55 -20.96 -25.22
C TYR E 44 25.61 -20.73 -23.72
N LYS E 45 25.93 -19.50 -23.30
CA LYS E 45 25.67 -19.15 -21.90
C LYS E 45 24.17 -19.14 -21.64
N TYR E 46 23.38 -18.68 -22.60
CA TYR E 46 21.92 -18.73 -22.46
C TYR E 46 21.42 -20.16 -22.56
N PHE E 47 22.25 -21.07 -23.06
CA PHE E 47 21.83 -22.45 -23.26
C PHE E 47 21.36 -23.11 -21.97
N PRO E 48 22.12 -23.12 -20.86
CA PRO E 48 21.53 -23.61 -19.61
C PRO E 48 20.42 -22.72 -19.08
N LYS E 49 20.72 -21.44 -18.81
CA LYS E 49 19.75 -20.56 -18.16
C LYS E 49 20.27 -19.12 -18.18
N SER E 50 19.43 -18.20 -18.63
CA SER E 50 19.69 -16.78 -18.45
C SER E 50 18.40 -16.03 -18.11
N GLU E 51 17.61 -16.59 -17.20
CA GLU E 51 16.34 -16.00 -16.80
C GLU E 51 16.55 -14.61 -16.21
N LYS E 52 15.65 -13.69 -16.56
CA LYS E 52 15.67 -12.33 -16.04
C LYS E 52 14.35 -11.66 -16.42
N LYS E 53 14.26 -10.37 -16.13
CA LYS E 53 13.05 -9.58 -16.36
C LYS E 53 13.35 -8.41 -17.30
N ILE E 54 12.33 -8.00 -18.04
CA ILE E 54 12.40 -6.83 -18.91
C ILE E 54 11.91 -5.62 -18.12
N LYS E 55 12.57 -4.48 -18.32
CA LYS E 55 12.34 -3.32 -17.47
C LYS E 55 11.04 -2.62 -17.85
N THR E 56 10.82 -1.44 -17.27
CA THR E 56 9.54 -0.76 -17.34
C THR E 56 9.26 -0.25 -18.75
N THR E 57 8.02 0.23 -18.94
CA THR E 57 7.48 0.60 -20.24
C THR E 57 7.04 2.06 -20.20
N VAL E 58 7.70 2.91 -20.98
CA VAL E 58 7.33 4.32 -21.12
C VAL E 58 7.11 4.64 -22.58
N LEU E 59 8.16 4.47 -23.40
CA LEU E 59 8.05 4.75 -24.82
C LEU E 59 7.31 3.64 -25.57
N THR E 60 7.06 2.51 -24.92
CA THR E 60 6.23 1.48 -25.53
C THR E 60 4.85 2.02 -25.86
N ALA E 61 4.41 3.09 -25.19
CA ALA E 61 3.18 3.77 -25.60
C ALA E 61 3.33 4.34 -27.01
N ALA E 62 4.46 5.00 -27.28
CA ALA E 62 4.74 5.45 -28.64
C ALA E 62 4.78 4.28 -29.60
N LEU E 63 5.39 3.17 -29.18
CA LEU E 63 5.37 1.97 -30.01
C LEU E 63 3.94 1.56 -30.34
N LEU E 64 3.07 1.52 -29.34
CA LEU E 64 1.67 1.20 -29.56
C LEU E 64 1.03 2.16 -30.55
N LEU E 65 1.40 3.44 -30.45
CA LEU E 65 0.96 4.39 -31.47
C LEU E 65 1.48 4.00 -32.84
N SER E 66 2.61 3.30 -32.89
CA SER E 66 3.13 2.79 -34.16
C SER E 66 2.68 1.37 -34.47
N GLY E 67 2.08 0.67 -33.50
CA GLY E 67 1.63 -0.69 -33.72
C GLY E 67 2.75 -1.69 -33.43
N ILE E 68 2.97 -2.61 -34.37
CA ILE E 68 4.12 -3.51 -34.34
C ILE E 68 4.08 -4.34 -33.06
N PRO E 69 3.24 -5.39 -33.01
CA PRO E 69 2.99 -6.12 -31.76
C PRO E 69 4.19 -6.80 -31.13
N ALA E 70 3.93 -7.53 -30.04
CA ALA E 70 4.90 -7.99 -29.05
C ALA E 70 6.25 -8.44 -29.60
N GLU E 71 6.25 -9.06 -30.78
CA GLU E 71 7.49 -9.64 -31.32
C GLU E 71 8.60 -8.61 -31.39
N VAL E 72 8.39 -7.53 -32.15
CA VAL E 72 9.43 -6.50 -32.25
C VAL E 72 9.46 -5.68 -30.96
N ILE E 73 8.34 -5.61 -30.25
CA ILE E 73 8.26 -4.93 -28.96
C ILE E 73 9.40 -5.42 -28.08
N ASN E 74 9.63 -6.73 -28.10
CA ASN E 74 10.70 -7.34 -27.33
C ASN E 74 12.01 -7.40 -28.09
N ARG E 75 11.96 -7.61 -29.41
CA ARG E 75 13.18 -7.67 -30.20
C ARG E 75 13.98 -6.38 -30.07
N SER E 76 13.31 -5.24 -30.13
CA SER E 76 13.99 -3.96 -30.02
C SER E 76 14.74 -3.85 -28.70
N MET E 77 14.07 -4.15 -27.60
CA MET E 77 14.70 -4.04 -26.28
C MET E 77 15.89 -4.99 -26.16
N ASP E 78 15.68 -6.26 -26.53
CA ASP E 78 16.76 -7.23 -26.42
C ASP E 78 17.95 -6.83 -27.27
N THR E 79 17.70 -6.40 -28.51
CA THR E 79 18.80 -6.06 -29.40
C THR E 79 19.50 -4.79 -28.96
N TYR E 80 18.77 -3.80 -28.45
CA TYR E 80 19.41 -2.62 -27.90
C TYR E 80 20.33 -2.97 -26.76
N SER E 81 19.81 -3.71 -25.78
CA SER E 81 20.62 -4.15 -24.65
C SER E 81 21.87 -4.88 -25.13
N LYS E 82 21.69 -5.87 -26.01
CA LYS E 82 22.79 -6.71 -26.43
C LYS E 82 23.83 -5.92 -27.22
N MET E 83 23.38 -5.09 -28.17
CA MET E 83 24.32 -4.29 -28.93
C MET E 83 25.11 -3.36 -28.03
N GLY E 84 24.44 -2.72 -27.06
CA GLY E 84 25.16 -1.85 -26.15
C GLY E 84 26.22 -2.61 -25.36
N GLU E 85 25.83 -3.72 -24.75
CA GLU E 85 26.78 -4.45 -23.93
C GLU E 85 27.89 -5.08 -24.76
N VAL E 86 27.63 -5.42 -26.02
CA VAL E 86 28.72 -5.96 -26.83
C VAL E 86 29.63 -4.85 -27.33
N PHE E 87 29.11 -3.65 -27.60
CA PHE E 87 29.99 -2.52 -27.83
C PHE E 87 30.89 -2.31 -26.63
N THR E 88 30.32 -2.46 -25.44
CA THR E 88 31.09 -2.45 -24.21
C THR E 88 32.22 -3.47 -24.27
N ASP E 89 31.87 -4.73 -24.50
CA ASP E 89 32.90 -5.77 -24.60
C ASP E 89 33.95 -5.41 -25.64
N LEU E 90 33.52 -4.82 -26.75
CA LEU E 90 34.44 -4.59 -27.85
C LEU E 90 35.50 -3.56 -27.47
N CYS E 91 35.11 -2.37 -27.03
CA CYS E 91 36.23 -1.48 -26.76
C CYS E 91 36.75 -1.70 -25.35
N VAL E 92 36.20 -2.65 -24.62
CA VAL E 92 36.92 -3.19 -23.47
C VAL E 92 38.06 -4.08 -23.95
N TYR E 93 37.82 -4.89 -24.98
CA TYR E 93 38.92 -5.52 -25.71
C TYR E 93 39.97 -4.47 -26.04
N PHE E 94 39.52 -3.35 -26.58
CA PHE E 94 40.46 -2.29 -26.97
C PHE E 94 41.18 -1.73 -25.75
N PHE E 95 40.50 -1.57 -24.63
CA PHE E 95 41.14 -1.16 -23.39
C PHE E 95 42.25 -2.12 -23.01
N THR E 96 41.95 -3.41 -23.05
CA THR E 96 42.96 -4.43 -22.79
C THR E 96 44.14 -4.26 -23.73
N PHE E 97 43.88 -3.89 -24.98
CA PHE E 97 44.99 -3.59 -25.89
C PHE E 97 45.77 -2.38 -25.41
N ILE E 98 45.06 -1.36 -24.95
CA ILE E 98 45.72 -0.17 -24.40
C ILE E 98 46.68 -0.57 -23.30
N PHE E 99 46.30 -1.54 -22.49
CA PHE E 99 47.18 -1.95 -21.41
C PHE E 99 48.28 -2.89 -21.86
N CYS E 100 47.99 -3.78 -22.81
CA CYS E 100 49.05 -4.60 -23.42
C CYS E 100 50.14 -3.70 -23.99
N HIS E 101 49.78 -2.49 -24.41
CA HIS E 101 50.81 -1.59 -24.89
C HIS E 101 51.23 -0.56 -23.86
N GLU E 102 50.50 -0.43 -22.74
CA GLU E 102 51.11 0.14 -21.54
C GLU E 102 52.35 -0.64 -21.16
N LEU E 103 52.27 -1.95 -21.32
CA LEU E 103 53.42 -2.81 -21.10
C LEU E 103 54.61 -2.34 -21.94
N LEU E 104 54.41 -2.18 -23.25
CA LEU E 104 55.50 -1.73 -24.12
C LEU E 104 55.90 -0.29 -23.79
N ASP E 105 54.95 0.52 -23.34
CA ASP E 105 55.25 1.88 -22.92
C ASP E 105 56.31 1.88 -21.82
N TYR E 106 56.04 1.15 -20.74
CA TYR E 106 57.05 1.05 -19.70
C TYR E 106 58.29 0.33 -20.21
N TRP E 107 58.11 -0.58 -21.17
CA TRP E 107 59.23 -1.27 -21.80
C TRP E 107 60.06 -0.27 -22.60
N PHE F 7 33.61 0.45 -7.23
CA PHE F 7 34.30 1.74 -7.28
C PHE F 7 35.78 1.58 -6.97
N ARG F 8 36.13 1.76 -5.71
CA ARG F 8 37.53 1.90 -5.35
C ARG F 8 38.23 0.55 -5.33
N LEU F 9 37.47 -0.54 -5.35
CA LEU F 9 38.08 -1.86 -5.47
C LEU F 9 38.93 -1.88 -6.73
N VAL F 10 38.29 -1.73 -7.88
CA VAL F 10 39.02 -1.68 -9.14
C VAL F 10 39.79 -0.38 -9.27
N GLY F 11 39.36 0.68 -8.58
CA GLY F 11 40.15 1.91 -8.55
C GLY F 11 41.59 1.66 -8.12
N CYS F 12 41.76 1.15 -6.91
CA CYS F 12 43.09 0.81 -6.41
C CYS F 12 43.69 -0.39 -7.13
N ALA F 13 42.85 -1.27 -7.68
CA ALA F 13 43.38 -2.31 -8.55
C ALA F 13 44.16 -1.71 -9.71
N LEU F 14 43.69 -0.57 -10.22
CA LEU F 14 44.41 0.11 -11.30
C LEU F 14 45.79 0.54 -10.86
N LEU F 15 45.91 1.09 -9.65
CA LEU F 15 47.21 1.48 -9.13
C LEU F 15 48.10 0.26 -8.91
N ALA F 16 47.49 -0.88 -8.55
CA ALA F 16 48.25 -2.12 -8.47
C ALA F 16 48.79 -2.53 -9.83
N LEU F 17 47.93 -2.48 -10.86
CA LEU F 17 48.38 -2.73 -12.22
C LEU F 17 49.54 -1.81 -12.59
N GLY F 18 49.50 -0.57 -12.12
CA GLY F 18 50.62 0.32 -12.35
C GLY F 18 51.87 -0.12 -11.62
N VAL F 19 51.73 -0.54 -10.37
CA VAL F 19 52.91 -0.76 -9.53
C VAL F 19 53.49 -2.15 -9.78
N ARG F 20 52.87 -2.95 -10.66
CA ARG F 20 53.46 -4.23 -11.04
C ARG F 20 54.93 -4.11 -11.44
N ALA F 21 55.21 -3.29 -12.45
CA ALA F 21 56.58 -3.13 -12.92
C ALA F 21 57.43 -2.42 -11.88
N PHE F 22 56.83 -1.52 -11.10
CA PHE F 22 57.56 -0.86 -10.02
C PHE F 22 58.11 -1.88 -9.03
N VAL F 23 57.27 -2.84 -8.61
CA VAL F 23 57.69 -3.76 -7.55
C VAL F 23 58.60 -4.84 -8.12
N CYS F 24 58.43 -5.25 -9.38
CA CYS F 24 59.34 -6.30 -9.94
C CYS F 24 60.65 -5.63 -10.37
N LYS F 25 60.65 -4.30 -10.41
CA LYS F 25 61.85 -3.49 -10.75
C LYS F 25 62.79 -3.45 -9.54
N TYR F 26 64.07 -3.17 -9.76
CA TYR F 26 65.08 -3.11 -8.66
C TYR F 26 64.60 -2.19 -7.54
N LEU F 27 64.36 -2.77 -6.35
CA LEU F 27 63.95 -2.03 -5.16
C LEU F 27 64.72 -2.47 -3.93
N SER F 28 64.93 -1.54 -3.00
CA SER F 28 65.57 -1.85 -1.73
C SER F 28 64.57 -2.43 -0.75
N ILE F 29 64.91 -2.35 0.53
CA ILE F 29 64.52 -3.29 1.59
C ILE F 29 63.11 -3.85 1.46
N PHE F 30 62.10 -2.99 1.28
CA PHE F 30 60.75 -3.51 1.13
C PHE F 30 59.83 -2.62 0.33
N ALA F 31 59.31 -3.16 -0.78
CA ALA F 31 58.38 -2.49 -1.68
C ALA F 31 56.92 -2.51 -1.23
N PRO F 32 56.35 -3.65 -0.85
CA PRO F 32 54.88 -3.70 -0.63
C PRO F 32 54.39 -2.67 0.37
N PHE F 33 55.19 -2.35 1.39
CA PHE F 33 54.84 -1.27 2.32
C PHE F 33 54.34 -0.05 1.58
N LEU F 34 55.15 0.47 0.66
CA LEU F 34 54.71 1.57 -0.20
C LEU F 34 53.31 1.32 -0.74
N THR F 35 53.14 0.23 -1.48
CA THR F 35 51.82 -0.16 -1.97
C THR F 35 50.77 -0.08 -0.86
N LEU F 36 51.03 -0.76 0.26
CA LEU F 36 50.05 -0.84 1.32
C LEU F 36 49.67 0.54 1.86
N GLN F 37 50.57 1.51 1.79
CA GLN F 37 50.22 2.85 2.25
C GLN F 37 49.19 3.50 1.36
N LEU F 38 49.28 3.31 0.04
CA LEU F 38 48.30 3.90 -0.86
C LEU F 38 46.90 3.38 -0.54
N ALA F 39 46.80 2.13 -0.10
CA ALA F 39 45.51 1.61 0.35
C ALA F 39 44.87 2.54 1.37
N TYR F 40 45.62 2.98 2.38
CA TYR F 40 45.06 3.92 3.35
C TYR F 40 44.52 5.16 2.66
N MET F 41 45.23 5.66 1.66
CA MET F 41 44.73 6.80 0.90
C MET F 41 43.36 6.50 0.32
N GLY F 42 43.20 5.32 -0.27
CA GLY F 42 41.89 4.93 -0.75
C GLY F 42 40.85 4.91 0.35
N LEU F 43 41.25 4.53 1.56
CA LEU F 43 40.32 4.56 2.68
C LEU F 43 39.90 5.99 3.00
N TYR F 44 40.82 6.94 2.82
CA TYR F 44 40.45 8.35 2.98
C TYR F 44 39.35 8.74 1.99
N LYS F 45 39.25 7.99 0.89
CA LYS F 45 38.20 8.20 -0.11
C LYS F 45 36.82 7.95 0.46
N TYR F 46 36.72 7.11 1.49
CA TYR F 46 35.45 6.87 2.15
C TYR F 46 35.05 8.11 2.96
N PHE F 47 36.03 8.96 3.28
CA PHE F 47 35.76 10.14 4.10
C PHE F 47 34.78 11.09 3.42
N PRO F 48 35.00 11.52 2.16
CA PRO F 48 33.93 12.27 1.47
C PRO F 48 32.81 11.37 0.98
N LYS F 49 33.17 10.21 0.42
CA LYS F 49 32.21 9.31 -0.19
C LYS F 49 31.48 8.49 0.85
N SER F 50 30.52 9.12 1.54
CA SER F 50 29.66 8.44 2.50
C SER F 50 28.18 8.63 2.19
N GLU F 51 27.85 8.94 0.93
CA GLU F 51 26.47 9.21 0.54
C GLU F 51 25.74 7.90 0.26
N LYS F 52 25.63 7.05 1.28
CA LYS F 52 25.08 5.71 1.13
C LYS F 52 24.19 5.43 2.34
N LYS F 53 23.84 4.16 2.53
CA LYS F 53 23.05 3.73 3.68
C LYS F 53 23.55 2.37 4.13
N ILE F 54 23.10 1.95 5.31
CA ILE F 54 23.53 0.67 5.87
C ILE F 54 22.89 -0.47 5.12
N LYS F 55 23.65 -1.55 4.91
CA LYS F 55 23.09 -2.79 4.40
C LYS F 55 22.24 -3.44 5.48
N THR F 56 21.00 -3.80 5.12
CA THR F 56 20.03 -4.27 6.10
C THR F 56 20.57 -5.46 6.87
N THR F 57 20.42 -5.40 8.19
CA THR F 57 20.92 -6.42 9.09
C THR F 57 19.80 -6.95 9.96
N VAL F 58 20.09 -8.02 10.70
CA VAL F 58 19.14 -8.63 11.61
C VAL F 58 19.77 -8.70 12.99
N LEU F 59 20.96 -8.12 13.14
CA LEU F 59 21.72 -8.26 14.37
C LEU F 59 21.60 -7.05 15.29
N THR F 60 21.10 -5.91 14.77
CA THR F 60 20.93 -4.73 15.62
C THR F 60 20.01 -5.02 16.80
N ALA F 61 19.07 -5.95 16.64
CA ALA F 61 18.21 -6.33 17.76
C ALA F 61 19.03 -6.90 18.91
N ALA F 62 19.84 -7.92 18.63
CA ALA F 62 20.70 -8.50 19.65
C ALA F 62 21.71 -7.48 20.16
N LEU F 63 22.13 -6.54 19.31
CA LEU F 63 23.08 -5.53 19.74
C LEU F 63 22.46 -4.59 20.79
N LEU F 64 21.26 -4.09 20.50
CA LEU F 64 20.60 -3.21 21.47
C LEU F 64 20.13 -3.99 22.69
N LEU F 65 19.93 -5.30 22.55
CA LEU F 65 19.73 -6.13 23.73
C LEU F 65 21.01 -6.19 24.57
N SER F 66 22.16 -6.18 23.92
CA SER F 66 23.43 -6.29 24.63
C SER F 66 23.73 -5.03 25.44
N GLY F 67 23.87 -3.90 24.77
CA GLY F 67 24.07 -2.63 25.44
C GLY F 67 24.86 -1.65 24.59
N ILE F 68 24.93 -0.41 25.10
CA ILE F 68 25.63 0.74 24.51
C ILE F 68 25.53 0.73 22.99
N PRO F 69 24.33 0.92 22.42
CA PRO F 69 24.24 0.91 20.96
C PRO F 69 24.70 2.21 20.31
N ALA F 70 24.75 3.30 21.07
CA ALA F 70 24.95 4.62 20.48
C ALA F 70 26.29 4.72 19.74
N GLU F 71 27.24 3.85 20.07
CA GLU F 71 28.55 3.93 19.44
C GLU F 71 28.99 2.58 18.88
N VAL F 72 28.54 1.48 19.48
CA VAL F 72 29.10 0.18 19.16
C VAL F 72 28.64 -0.30 17.80
N ILE F 73 27.44 0.07 17.36
CA ILE F 73 27.01 -0.33 16.02
C ILE F 73 27.90 0.34 14.98
N ASN F 74 28.25 1.61 15.18
CA ASN F 74 29.13 2.29 14.25
C ASN F 74 30.53 1.71 14.31
N ARG F 75 31.01 1.39 15.51
CA ARG F 75 32.30 0.74 15.66
C ARG F 75 32.33 -0.59 14.89
N SER F 76 31.25 -1.36 14.98
CA SER F 76 31.21 -2.65 14.31
C SER F 76 31.08 -2.50 12.79
N MET F 77 30.33 -1.50 12.35
CA MET F 77 30.23 -1.25 10.91
C MET F 77 31.58 -0.85 10.35
N ASP F 78 32.31 0.01 11.04
CA ASP F 78 33.65 0.36 10.58
C ASP F 78 34.61 -0.82 10.71
N THR F 79 34.38 -1.71 11.67
CA THR F 79 35.17 -2.93 11.76
C THR F 79 34.99 -3.79 10.50
N TYR F 80 33.74 -4.02 10.11
CA TYR F 80 33.48 -4.78 8.89
C TYR F 80 34.00 -4.05 7.66
N SER F 81 33.95 -2.71 7.65
CA SER F 81 34.55 -1.97 6.55
C SER F 81 36.05 -2.22 6.49
N LYS F 82 36.72 -2.22 7.63
CA LYS F 82 38.16 -2.48 7.65
C LYS F 82 38.47 -3.91 7.22
N MET F 83 37.60 -4.85 7.58
CA MET F 83 37.81 -6.23 7.11
C MET F 83 37.65 -6.30 5.60
N GLY F 84 36.67 -5.58 5.04
CA GLY F 84 36.56 -5.48 3.60
C GLY F 84 37.78 -4.83 2.98
N GLU F 85 38.37 -3.85 3.67
CA GLU F 85 39.61 -3.25 3.20
C GLU F 85 40.73 -4.29 3.17
N VAL F 86 40.82 -5.12 4.21
CA VAL F 86 41.77 -6.21 4.21
C VAL F 86 41.56 -7.08 2.97
N PHE F 87 40.34 -7.58 2.79
CA PHE F 87 39.98 -8.35 1.61
C PHE F 87 40.52 -7.69 0.35
N THR F 88 40.02 -6.50 0.06
CA THR F 88 40.31 -5.79 -1.18
C THR F 88 41.80 -5.58 -1.36
N ASP F 89 42.42 -4.82 -0.46
CA ASP F 89 43.82 -4.47 -0.60
C ASP F 89 44.69 -5.72 -0.69
N LEU F 90 44.68 -6.53 0.38
CA LEU F 90 45.56 -7.69 0.43
C LEU F 90 45.41 -8.56 -0.82
N CYS F 91 44.19 -8.85 -1.21
CA CYS F 91 43.98 -9.84 -2.24
C CYS F 91 44.17 -9.31 -3.66
N VAL F 92 43.84 -8.05 -3.94
CA VAL F 92 44.21 -7.51 -5.25
C VAL F 92 45.73 -7.38 -5.33
N TYR F 93 46.38 -7.03 -4.21
CA TYR F 93 47.82 -6.98 -4.19
C TYR F 93 48.42 -8.34 -4.54
N PHE F 94 47.88 -9.40 -3.95
CA PHE F 94 48.45 -10.71 -4.23
C PHE F 94 48.00 -11.29 -5.56
N PHE F 95 46.90 -10.81 -6.11
CA PHE F 95 46.60 -11.10 -7.51
C PHE F 95 47.66 -10.49 -8.42
N THR F 96 48.02 -9.23 -8.18
CA THR F 96 49.15 -8.62 -8.85
C THR F 96 50.43 -9.44 -8.66
N PHE F 97 50.63 -9.96 -7.45
CA PHE F 97 51.81 -10.75 -7.16
C PHE F 97 51.83 -12.03 -8.01
N ILE F 98 50.68 -12.70 -8.10
CA ILE F 98 50.55 -13.86 -8.97
C ILE F 98 50.87 -13.48 -10.41
N PHE F 99 50.41 -12.30 -10.83
CA PHE F 99 50.74 -11.83 -12.17
C PHE F 99 52.24 -11.75 -12.39
N CYS F 100 52.95 -11.02 -11.53
CA CYS F 100 54.38 -10.88 -11.76
C CYS F 100 55.11 -12.19 -11.56
N HIS F 101 54.53 -13.13 -10.81
CA HIS F 101 55.07 -14.49 -10.79
C HIS F 101 54.97 -15.12 -12.17
N GLU F 102 53.79 -15.05 -12.79
CA GLU F 102 53.64 -15.49 -14.17
C GLU F 102 54.67 -14.83 -15.08
N LEU F 103 54.93 -13.54 -14.85
CA LEU F 103 55.93 -12.79 -15.58
C LEU F 103 57.29 -13.44 -15.47
N LEU F 104 57.82 -13.52 -14.24
CA LEU F 104 59.15 -14.06 -13.99
C LEU F 104 59.26 -15.55 -14.34
N ASP F 105 58.15 -16.25 -14.53
CA ASP F 105 58.21 -17.65 -14.97
C ASP F 105 58.25 -17.74 -16.50
N TYR F 106 57.22 -17.21 -17.17
CA TYR F 106 57.08 -17.51 -18.59
C TYR F 106 57.78 -16.47 -19.47
N TRP F 107 57.72 -15.20 -19.07
CA TRP F 107 58.34 -14.15 -19.89
C TRP F 107 59.86 -14.29 -19.93
#